data_1JEK
# 
_entry.id   1JEK 
# 
_audit_conform.dict_name       mmcif_pdbx.dic 
_audit_conform.dict_version    5.397 
_audit_conform.dict_location   http://mmcif.pdb.org/dictionaries/ascii/mmcif_pdbx.dic 
# 
loop_
_database_2.database_id 
_database_2.database_code 
_database_2.pdbx_database_accession 
_database_2.pdbx_DOI 
PDB   1JEK         pdb_00001jek 10.2210/pdb1jek/pdb 
RCSB  RCSB013684   ?            ?                   
WWPDB D_1000013684 ?            ?                   
# 
loop_
_pdbx_audit_revision_history.ordinal 
_pdbx_audit_revision_history.data_content_type 
_pdbx_audit_revision_history.major_revision 
_pdbx_audit_revision_history.minor_revision 
_pdbx_audit_revision_history.revision_date 
1 'Structure model' 1 0 2001-07-25 
2 'Structure model' 1 1 2008-04-27 
3 'Structure model' 1 2 2011-07-13 
4 'Structure model' 1 3 2011-11-16 
5 'Structure model' 1 4 2023-08-16 
6 'Structure model' 1 5 2024-10-30 
# 
_pdbx_audit_revision_details.ordinal             1 
_pdbx_audit_revision_details.revision_ordinal    1 
_pdbx_audit_revision_details.data_content_type   'Structure model' 
_pdbx_audit_revision_details.provider            repository 
_pdbx_audit_revision_details.type                'Initial release' 
_pdbx_audit_revision_details.description         ? 
_pdbx_audit_revision_details.details             ? 
# 
loop_
_pdbx_audit_revision_group.ordinal 
_pdbx_audit_revision_group.revision_ordinal 
_pdbx_audit_revision_group.data_content_type 
_pdbx_audit_revision_group.group 
1 2 'Structure model' 'Version format compliance' 
2 3 'Structure model' 'Derived calculations'      
3 3 'Structure model' 'Version format compliance' 
4 4 'Structure model' 'Atomic model'              
5 5 'Structure model' 'Data collection'           
6 5 'Structure model' 'Database references'       
7 5 'Structure model' 'Derived calculations'      
8 5 'Structure model' 'Refinement description'    
9 6 'Structure model' 'Structure summary'         
# 
loop_
_pdbx_audit_revision_category.ordinal 
_pdbx_audit_revision_category.revision_ordinal 
_pdbx_audit_revision_category.data_content_type 
_pdbx_audit_revision_category.category 
1 5 'Structure model' chem_comp_atom                
2 5 'Structure model' chem_comp_bond                
3 5 'Structure model' database_2                    
4 5 'Structure model' pdbx_initial_refinement_model 
5 5 'Structure model' struct_conn                   
6 5 'Structure model' struct_site                   
7 6 'Structure model' pdbx_entry_details            
8 6 'Structure model' pdbx_modification_feature     
# 
loop_
_pdbx_audit_revision_item.ordinal 
_pdbx_audit_revision_item.revision_ordinal 
_pdbx_audit_revision_item.data_content_type 
_pdbx_audit_revision_item.item 
1 5 'Structure model' '_database_2.pdbx_DOI'                
2 5 'Structure model' '_database_2.pdbx_database_accession' 
3 5 'Structure model' '_struct_conn.pdbx_leaving_atom_flag' 
4 5 'Structure model' '_struct_site.pdbx_auth_asym_id'      
5 5 'Structure model' '_struct_site.pdbx_auth_comp_id'      
6 5 'Structure model' '_struct_site.pdbx_auth_seq_id'       
# 
_pdbx_database_status.status_code                     REL 
_pdbx_database_status.entry_id                        1JEK 
_pdbx_database_status.recvd_initial_deposition_date   2001-06-18 
_pdbx_database_status.deposit_site                    RCSB 
_pdbx_database_status.process_site                    RCSB 
_pdbx_database_status.SG_entry                        . 
_pdbx_database_status.pdb_format_compatible           Y 
_pdbx_database_status.status_code_mr                  ? 
_pdbx_database_status.status_code_sf                  ? 
_pdbx_database_status.status_code_cs                  ? 
_pdbx_database_status.status_code_nmr_data            ? 
_pdbx_database_status.methods_development_category    ? 
# 
loop_
_audit_author.name 
_audit_author.pdbx_ordinal 
'Malashkevich, V.N.' 1 
'Singh, M.'          2 
'Kim, P.S.'          3 
# 
loop_
_citation.id 
_citation.title 
_citation.journal_abbrev 
_citation.journal_volume 
_citation.page_first 
_citation.page_last 
_citation.year 
_citation.journal_id_ASTM 
_citation.country 
_citation.journal_id_ISSN 
_citation.journal_id_CSD 
_citation.book_publisher 
_citation.pdbx_database_id_PubMed 
_citation.pdbx_database_id_DOI 
primary 'The trimer-of-hairpins motif in membrane fusion: Visna virus.' Proc.Natl.Acad.Sci.USA  98 8502 8506 2001 PNASA6 US 
0027-8424 0040 ? 11447278 10.1073/pnas.151254798          
1       
;Crystal Structure of the Simian Immunodeficiency Virus (Siv) Gp41 Core: Conserved Helical Interactions Underlie the Broad Inhibitory Activity of Gp41 Peptides
;
Proc.Natl.Acad.Sci.USA  95 9134 9139 1998 PNASA6 US 0027-8424 0040 ? ?        10.1073/pnas.95.16.9134         
2       'Core Structure of Gp41 from the HIV Envelope Glycoprotein' 'Cell(Cambridge,Mass.)' 89 263  273  1997 CELLB5 US 0092-8674 
0998 ? ?        '10.1016/S0092-8674(00)80205-6' 
# 
loop_
_citation_author.citation_id 
_citation_author.name 
_citation_author.ordinal 
_citation_author.identifier_ORCID 
primary 'Malashkevich, V.N.' 1  ? 
primary 'Singh, M.'          2  ? 
primary 'Kim, P.S.'          3  ? 
1       'Malashkevich, V.N.' 4  ? 
1       'Chan, D.C.'         5  ? 
1       'Chutkowski, C.T.'   6  ? 
1       'Kim, P.S.'          7  ? 
2       'Chan, D.C.'         8  ? 
2       'Fass, D.'           9  ? 
2       'Berger, J.M.'       10 ? 
2       'Kim, P.S.'          11 ? 
# 
loop_
_entity.id 
_entity.type 
_entity.src_method 
_entity.pdbx_description 
_entity.formula_weight 
_entity.pdbx_number_of_molecules 
_entity.pdbx_ec 
_entity.pdbx_mutation 
_entity.pdbx_fragment 
_entity.details 
1 polymer syn 'ENV POLYPROTEIN' 4336.971 1   ? ? ? ? 
2 polymer syn 'ENV POLYPROTEIN' 4126.549 1   ? ? ? ? 
3 water   nat water             18.015   142 ? ? ? ? 
# 
loop_
_entity_name_com.entity_id 
_entity_name_com.name 
1 'COAT POLYPROTEIN' 
2 'COAT POLYPROTEIN' 
# 
loop_
_entity_poly.entity_id 
_entity_poly.type 
_entity_poly.nstd_linkage 
_entity_poly.nstd_monomer 
_entity_poly.pdbx_seq_one_letter_code 
_entity_poly.pdbx_seq_one_letter_code_can 
_entity_poly.pdbx_strand_id 
_entity_poly.pdbx_target_identifier 
1 'polypeptide(L)' no yes '(ACE)QSLANATAAQQEVLEASYAMVQHIAKGIRILEARVARVEA(NH2)' XQSLANATAAQQEVLEASYAMVQHIAKGIRILEARVARVEAX A ? 
2 'polypeptide(L)' no yes '(ACE)WQQWEEEIEQHEGNLSLLLREAALQVHIAQRDAR(NH2)'       XWQQWEEEIEQHEGNLSLLLREAALQVHIAQRDARX       B ? 
# 
_pdbx_entity_nonpoly.entity_id   3 
_pdbx_entity_nonpoly.name        water 
_pdbx_entity_nonpoly.comp_id     HOH 
# 
loop_
_entity_poly_seq.entity_id 
_entity_poly_seq.num 
_entity_poly_seq.mon_id 
_entity_poly_seq.hetero 
1 1  ACE n 
1 2  GLN n 
1 3  SER n 
1 4  LEU n 
1 5  ALA n 
1 6  ASN n 
1 7  ALA n 
1 8  THR n 
1 9  ALA n 
1 10 ALA n 
1 11 GLN n 
1 12 GLN n 
1 13 GLU n 
1 14 VAL n 
1 15 LEU n 
1 16 GLU n 
1 17 ALA n 
1 18 SER n 
1 19 TYR n 
1 20 ALA n 
1 21 MET n 
1 22 VAL n 
1 23 GLN n 
1 24 HIS n 
1 25 ILE n 
1 26 ALA n 
1 27 LYS n 
1 28 GLY n 
1 29 ILE n 
1 30 ARG n 
1 31 ILE n 
1 32 LEU n 
1 33 GLU n 
1 34 ALA n 
1 35 ARG n 
1 36 VAL n 
1 37 ALA n 
1 38 ARG n 
1 39 VAL n 
1 40 GLU n 
1 41 ALA n 
1 42 NH2 n 
2 1  ACE n 
2 2  TRP n 
2 3  GLN n 
2 4  GLN n 
2 5  TRP n 
2 6  GLU n 
2 7  GLU n 
2 8  GLU n 
2 9  ILE n 
2 10 GLU n 
2 11 GLN n 
2 12 HIS n 
2 13 GLU n 
2 14 GLY n 
2 15 ASN n 
2 16 LEU n 
2 17 SER n 
2 18 LEU n 
2 19 LEU n 
2 20 LEU n 
2 21 ARG n 
2 22 GLU n 
2 23 ALA n 
2 24 ALA n 
2 25 LEU n 
2 26 GLN n 
2 27 VAL n 
2 28 HIS n 
2 29 ILE n 
2 30 ALA n 
2 31 GLN n 
2 32 ARG n 
2 33 ASP n 
2 34 ALA n 
2 35 ARG n 
2 36 NH2 n 
# 
loop_
_pdbx_entity_src_syn.entity_id 
_pdbx_entity_src_syn.pdbx_src_id 
_pdbx_entity_src_syn.pdbx_alt_source_flag 
_pdbx_entity_src_syn.pdbx_beg_seq_num 
_pdbx_entity_src_syn.pdbx_end_seq_num 
_pdbx_entity_src_syn.organism_scientific 
_pdbx_entity_src_syn.organism_common_name 
_pdbx_entity_src_syn.ncbi_taxonomy_id 
_pdbx_entity_src_syn.details 
1 1 sample ? ? ? ? ? 'This peptide was chemically synthesized. The sequence of the peptide is naturally found in Visna virus.' 
2 1 sample ? ? ? ? ? 'This peptide was chemically synthesized. The sequence of the peptide is naturally found in Visna virus.' 
# 
loop_
_chem_comp.id 
_chem_comp.type 
_chem_comp.mon_nstd_flag 
_chem_comp.name 
_chem_comp.pdbx_synonyms 
_chem_comp.formula 
_chem_comp.formula_weight 
ACE non-polymer         . 'ACETYL GROUP'  ? 'C2 H4 O'        44.053  
ALA 'L-peptide linking' y ALANINE         ? 'C3 H7 N O2'     89.093  
ARG 'L-peptide linking' y ARGININE        ? 'C6 H15 N4 O2 1' 175.209 
ASN 'L-peptide linking' y ASPARAGINE      ? 'C4 H8 N2 O3'    132.118 
ASP 'L-peptide linking' y 'ASPARTIC ACID' ? 'C4 H7 N O4'     133.103 
GLN 'L-peptide linking' y GLUTAMINE       ? 'C5 H10 N2 O3'   146.144 
GLU 'L-peptide linking' y 'GLUTAMIC ACID' ? 'C5 H9 N O4'     147.129 
GLY 'peptide linking'   y GLYCINE         ? 'C2 H5 N O2'     75.067  
HIS 'L-peptide linking' y HISTIDINE       ? 'C6 H10 N3 O2 1' 156.162 
HOH non-polymer         . WATER           ? 'H2 O'           18.015  
ILE 'L-peptide linking' y ISOLEUCINE      ? 'C6 H13 N O2'    131.173 
LEU 'L-peptide linking' y LEUCINE         ? 'C6 H13 N O2'    131.173 
LYS 'L-peptide linking' y LYSINE          ? 'C6 H15 N2 O2 1' 147.195 
MET 'L-peptide linking' y METHIONINE      ? 'C5 H11 N O2 S'  149.211 
NH2 non-polymer         . 'AMINO GROUP'   ? 'H2 N'           16.023  
SER 'L-peptide linking' y SERINE          ? 'C3 H7 N O3'     105.093 
THR 'L-peptide linking' y THREONINE       ? 'C4 H9 N O3'     119.119 
TRP 'L-peptide linking' y TRYPTOPHAN      ? 'C11 H12 N2 O2'  204.225 
TYR 'L-peptide linking' y TYROSINE        ? 'C9 H11 N O3'    181.189 
VAL 'L-peptide linking' y VALINE          ? 'C5 H11 N O2'    117.146 
# 
loop_
_pdbx_poly_seq_scheme.asym_id 
_pdbx_poly_seq_scheme.entity_id 
_pdbx_poly_seq_scheme.seq_id 
_pdbx_poly_seq_scheme.mon_id 
_pdbx_poly_seq_scheme.ndb_seq_num 
_pdbx_poly_seq_scheme.pdb_seq_num 
_pdbx_poly_seq_scheme.auth_seq_num 
_pdbx_poly_seq_scheme.pdb_mon_id 
_pdbx_poly_seq_scheme.auth_mon_id 
_pdbx_poly_seq_scheme.pdb_strand_id 
_pdbx_poly_seq_scheme.pdb_ins_code 
_pdbx_poly_seq_scheme.hetero 
A 1 1  ACE 1  545 545 ACE ACE A . n 
A 1 2  GLN 2  546 546 GLN GLN A . n 
A 1 3  SER 3  547 547 SER SER A . n 
A 1 4  LEU 4  548 548 LEU LEU A . n 
A 1 5  ALA 5  549 549 ALA ALA A . n 
A 1 6  ASN 6  550 550 ASN ASN A . n 
A 1 7  ALA 7  551 551 ALA ALA A . n 
A 1 8  THR 8  552 552 THR THR A . n 
A 1 9  ALA 9  553 553 ALA ALA A . n 
A 1 10 ALA 10 554 554 ALA ALA A . n 
A 1 11 GLN 11 555 555 GLN GLN A . n 
A 1 12 GLN 12 556 556 GLN GLN A . n 
A 1 13 GLU 13 557 557 GLU GLU A . n 
A 1 14 VAL 14 558 558 VAL VAL A . n 
A 1 15 LEU 15 559 559 LEU LEU A . n 
A 1 16 GLU 16 560 560 GLU GLU A . n 
A 1 17 ALA 17 561 561 ALA ALA A . n 
A 1 18 SER 18 562 562 SER SER A . n 
A 1 19 TYR 19 563 563 TYR TYR A . n 
A 1 20 ALA 20 564 564 ALA ALA A . n 
A 1 21 MET 21 565 565 MET MET A . n 
A 1 22 VAL 22 566 566 VAL VAL A . n 
A 1 23 GLN 23 567 567 GLN GLN A . n 
A 1 24 HIS 24 568 568 HIS HIS A . n 
A 1 25 ILE 25 569 569 ILE ILE A . n 
A 1 26 ALA 26 570 570 ALA ALA A . n 
A 1 27 LYS 27 571 571 LYS LYS A . n 
A 1 28 GLY 28 572 572 GLY GLY A . n 
A 1 29 ILE 29 573 573 ILE ILE A . n 
A 1 30 ARG 30 574 574 ARG ARG A . n 
A 1 31 ILE 31 575 575 ILE ILE A . n 
A 1 32 LEU 32 576 576 LEU LEU A . n 
A 1 33 GLU 33 577 577 GLU GLU A . n 
A 1 34 ALA 34 578 578 ALA ALA A . n 
A 1 35 ARG 35 579 579 ARG ARG A . n 
A 1 36 VAL 36 580 580 VAL VAL A . n 
A 1 37 ALA 37 581 581 ALA ALA A . n 
A 1 38 ARG 38 582 582 ARG ARG A . n 
A 1 39 VAL 39 583 583 VAL VAL A . n 
A 1 40 GLU 40 584 584 GLU GLU A . n 
A 1 41 ALA 41 585 585 ALA ALA A . n 
A 1 42 NH2 42 586 586 NH2 NHH A . n 
B 2 1  ACE 1  627 627 ACE ACE B . n 
B 2 2  TRP 2  628 628 TRP TRP B . n 
B 2 3  GLN 3  629 629 GLN GLN B . n 
B 2 4  GLN 4  630 630 GLN GLN B . n 
B 2 5  TRP 5  631 631 TRP TRP B . n 
B 2 6  GLU 6  632 632 GLU GLU B . n 
B 2 7  GLU 7  633 633 GLU GLU B . n 
B 2 8  GLU 8  634 634 GLU GLU B . n 
B 2 9  ILE 9  635 635 ILE ILE B . n 
B 2 10 GLU 10 636 636 GLU GLU B . n 
B 2 11 GLN 11 637 637 GLN GLN B . n 
B 2 12 HIS 12 638 638 HIS HIS B . n 
B 2 13 GLU 13 639 639 GLU GLU B . n 
B 2 14 GLY 14 640 640 GLY GLY B . n 
B 2 15 ASN 15 641 641 ASN ASN B . n 
B 2 16 LEU 16 642 642 LEU LEU B . n 
B 2 17 SER 17 643 643 SER SER B . n 
B 2 18 LEU 18 644 644 LEU LEU B . n 
B 2 19 LEU 19 645 645 LEU LEU B . n 
B 2 20 LEU 20 646 646 LEU LEU B . n 
B 2 21 ARG 21 647 647 ARG ARG B . n 
B 2 22 GLU 22 648 648 GLU GLU B . n 
B 2 23 ALA 23 649 649 ALA ALA B . n 
B 2 24 ALA 24 650 650 ALA ALA B . n 
B 2 25 LEU 25 651 651 LEU LEU B . n 
B 2 26 GLN 26 652 652 GLN GLN B . n 
B 2 27 VAL 27 653 653 VAL VAL B . n 
B 2 28 HIS 28 654 654 HIS HIS B . n 
B 2 29 ILE 29 655 655 ILE THR B . n 
B 2 30 ALA 30 656 656 ALA ALA B . n 
B 2 31 GLN 31 657 657 GLN GLN B . n 
B 2 32 ARG 32 658 658 ARG ARG B . n 
B 2 33 ASP 33 659 659 ASP ASP B . n 
B 2 34 ALA 34 660 660 ALA ALA B . n 
B 2 35 ARG 35 661 661 ARG ARG B . n 
B 2 36 NH2 36 662 662 NH2 NHH B . n 
# 
loop_
_pdbx_nonpoly_scheme.asym_id 
_pdbx_nonpoly_scheme.entity_id 
_pdbx_nonpoly_scheme.mon_id 
_pdbx_nonpoly_scheme.ndb_seq_num 
_pdbx_nonpoly_scheme.pdb_seq_num 
_pdbx_nonpoly_scheme.auth_seq_num 
_pdbx_nonpoly_scheme.pdb_mon_id 
_pdbx_nonpoly_scheme.auth_mon_id 
_pdbx_nonpoly_scheme.pdb_strand_id 
_pdbx_nonpoly_scheme.pdb_ins_code 
C 3 HOH 1  1   1   HOH WAT A . 
C 3 HOH 2  2   2   HOH WAT A . 
C 3 HOH 3  4   4   HOH WAT A . 
C 3 HOH 4  5   5   HOH WAT A . 
C 3 HOH 5  6   6   HOH WAT A . 
C 3 HOH 6  7   7   HOH WAT A . 
C 3 HOH 7  8   8   HOH WAT A . 
C 3 HOH 8  9   9   HOH WAT A . 
C 3 HOH 9  13  13  HOH WAT A . 
C 3 HOH 10 14  14  HOH WAT A . 
C 3 HOH 11 15  15  HOH WAT A . 
C 3 HOH 12 16  16  HOH WAT A . 
C 3 HOH 13 17  17  HOH WAT A . 
C 3 HOH 14 18  18  HOH WAT A . 
C 3 HOH 15 20  20  HOH WAT A . 
C 3 HOH 16 22  22  HOH WAT A . 
C 3 HOH 17 23  23  HOH WAT A . 
C 3 HOH 18 24  24  HOH WAT A . 
C 3 HOH 19 25  25  HOH WAT A . 
C 3 HOH 20 26  26  HOH WAT A . 
C 3 HOH 21 27  27  HOH WAT A . 
C 3 HOH 22 28  28  HOH WAT A . 
C 3 HOH 23 31  31  HOH WAT A . 
C 3 HOH 24 32  32  HOH WAT A . 
C 3 HOH 25 33  33  HOH WAT A . 
C 3 HOH 26 34  34  HOH WAT A . 
C 3 HOH 27 35  35  HOH WAT A . 
C 3 HOH 28 36  36  HOH WAT A . 
C 3 HOH 29 37  37  HOH WAT A . 
C 3 HOH 30 39  39  HOH WAT A . 
C 3 HOH 31 40  40  HOH WAT A . 
C 3 HOH 32 41  41  HOH WAT A . 
C 3 HOH 33 44  44  HOH WAT A . 
C 3 HOH 34 46  46  HOH WAT A . 
C 3 HOH 35 48  48  HOH WAT A . 
C 3 HOH 36 49  49  HOH WAT A . 
C 3 HOH 37 50  50  HOH WAT A . 
C 3 HOH 38 52  52  HOH WAT A . 
C 3 HOH 39 59  59  HOH WAT A . 
C 3 HOH 40 61  61  HOH WAT A . 
C 3 HOH 41 62  62  HOH WAT A . 
C 3 HOH 42 63  63  HOH WAT A . 
C 3 HOH 43 64  64  HOH WAT A . 
C 3 HOH 44 65  65  HOH WAT A . 
C 3 HOH 45 68  68  HOH WAT A . 
C 3 HOH 46 71  71  HOH WAT A . 
C 3 HOH 47 72  72  HOH WAT A . 
C 3 HOH 48 73  73  HOH WAT A . 
C 3 HOH 49 75  75  HOH WAT A . 
C 3 HOH 50 78  78  HOH WAT A . 
C 3 HOH 51 80  80  HOH WAT A . 
C 3 HOH 52 82  82  HOH WAT A . 
C 3 HOH 53 83  83  HOH WAT A . 
C 3 HOH 54 89  89  HOH WAT A . 
C 3 HOH 55 90  90  HOH WAT A . 
C 3 HOH 56 94  94  HOH WAT A . 
C 3 HOH 57 97  97  HOH WAT A . 
C 3 HOH 58 99  99  HOH WAT A . 
C 3 HOH 59 101 101 HOH WAT A . 
C 3 HOH 60 102 102 HOH WAT A . 
C 3 HOH 61 105 105 HOH WAT A . 
C 3 HOH 62 107 107 HOH WAT A . 
C 3 HOH 63 108 108 HOH WAT A . 
C 3 HOH 64 112 112 HOH WAT A . 
C 3 HOH 65 114 114 HOH WAT A . 
C 3 HOH 66 116 116 HOH WAT A . 
C 3 HOH 67 117 117 HOH WAT A . 
C 3 HOH 68 118 118 HOH WAT A . 
C 3 HOH 69 119 119 HOH WAT A . 
C 3 HOH 70 120 120 HOH WAT A . 
C 3 HOH 71 128 128 HOH WAT A . 
C 3 HOH 72 129 129 HOH WAT A . 
C 3 HOH 73 130 130 HOH WAT A . 
C 3 HOH 74 131 131 HOH WAT A . 
C 3 HOH 75 132 132 HOH WAT A . 
C 3 HOH 76 133 133 HOH WAT A . 
C 3 HOH 77 134 134 HOH WAT A . 
C 3 HOH 78 135 135 HOH WAT A . 
C 3 HOH 79 138 138 HOH WAT A . 
C 3 HOH 80 139 139 HOH WAT A . 
C 3 HOH 81 140 140 HOH WAT A . 
C 3 HOH 82 141 141 HOH WAT A . 
D 3 HOH 1  3   3   HOH WAT B . 
D 3 HOH 2  10  10  HOH WAT B . 
D 3 HOH 3  11  11  HOH WAT B . 
D 3 HOH 4  12  12  HOH WAT B . 
D 3 HOH 5  19  19  HOH WAT B . 
D 3 HOH 6  21  21  HOH WAT B . 
D 3 HOH 7  29  29  HOH WAT B . 
D 3 HOH 8  30  30  HOH WAT B . 
D 3 HOH 9  38  38  HOH WAT B . 
D 3 HOH 10 42  42  HOH WAT B . 
D 3 HOH 11 43  43  HOH WAT B . 
D 3 HOH 12 45  45  HOH WAT B . 
D 3 HOH 13 47  47  HOH WAT B . 
D 3 HOH 14 51  51  HOH WAT B . 
D 3 HOH 15 54  54  HOH WAT B . 
D 3 HOH 16 55  55  HOH WAT B . 
D 3 HOH 17 56  56  HOH WAT B . 
D 3 HOH 18 57  57  HOH WAT B . 
D 3 HOH 19 60  60  HOH WAT B . 
D 3 HOH 20 66  66  HOH WAT B . 
D 3 HOH 21 67  67  HOH WAT B . 
D 3 HOH 22 69  69  HOH WAT B . 
D 3 HOH 23 70  70  HOH WAT B . 
D 3 HOH 24 74  74  HOH WAT B . 
D 3 HOH 25 76  76  HOH WAT B . 
D 3 HOH 26 77  77  HOH WAT B . 
D 3 HOH 27 79  79  HOH WAT B . 
D 3 HOH 28 81  81  HOH WAT B . 
D 3 HOH 29 84  84  HOH WAT B . 
D 3 HOH 30 85  85  HOH WAT B . 
D 3 HOH 31 87  87  HOH WAT B . 
D 3 HOH 32 88  88  HOH WAT B . 
D 3 HOH 33 91  91  HOH WAT B . 
D 3 HOH 34 92  92  HOH WAT B . 
D 3 HOH 35 93  93  HOH WAT B . 
D 3 HOH 36 95  95  HOH WAT B . 
D 3 HOH 37 96  96  HOH WAT B . 
D 3 HOH 38 98  98  HOH WAT B . 
D 3 HOH 39 104 104 HOH WAT B . 
D 3 HOH 40 106 106 HOH WAT B . 
D 3 HOH 41 109 109 HOH WAT B . 
D 3 HOH 42 110 110 HOH WAT B . 
D 3 HOH 43 111 111 HOH WAT B . 
D 3 HOH 44 115 115 HOH WAT B . 
D 3 HOH 45 121 121 HOH WAT B . 
D 3 HOH 46 122 122 HOH WAT B . 
D 3 HOH 47 123 123 HOH WAT B . 
D 3 HOH 48 125 125 HOH WAT B . 
D 3 HOH 49 126 126 HOH WAT B . 
D 3 HOH 50 127 127 HOH WAT B . 
D 3 HOH 51 136 136 HOH WAT B . 
D 3 HOH 52 137 137 HOH WAT B . 
D 3 HOH 53 142 142 HOH WAT B . 
D 3 HOH 54 143 143 HOH WAT B . 
D 3 HOH 55 144 144 HOH WAT B . 
D 3 HOH 56 145 145 HOH WAT B . 
D 3 HOH 57 146 146 HOH WAT B . 
D 3 HOH 58 147 147 HOH WAT B . 
D 3 HOH 59 148 148 HOH WAT B . 
D 3 HOH 60 149 149 HOH WAT B . 
# 
loop_
_software.name 
_software.classification 
_software.version 
_software.citation_id 
_software.pdbx_ordinal 
AMoRE     phasing          .   ? 1 
CNS       refinement       1.0 ? 2 
DENZO     'data reduction' .   ? 3 
SCALEPACK 'data scaling'   .   ? 4 
# 
_cell.entry_id           1JEK 
_cell.length_a           52.548 
_cell.length_b           52.548 
_cell.length_c           61.686 
_cell.angle_alpha        90.00 
_cell.angle_beta         90.00 
_cell.angle_gamma        120.00 
_cell.Z_PDB              6 
_cell.pdbx_unique_axis   ? 
# 
_symmetry.entry_id                         1JEK 
_symmetry.space_group_name_H-M             'P 3 2 1' 
_symmetry.pdbx_full_space_group_name_H-M   ? 
_symmetry.cell_setting                     ? 
_symmetry.Int_Tables_number                150 
# 
_exptl.entry_id          1JEK 
_exptl.method            'X-RAY DIFFRACTION' 
_exptl.crystals_number   1 
# 
_exptl_crystal.id                    1 
_exptl_crystal.density_meas          ? 
_exptl_crystal.density_Matthews      2.91 
_exptl_crystal.density_percent_sol   57.67 
_exptl_crystal.description           'POLYSERINE MODEL' 
# 
_exptl_crystal_grow.crystal_id      1 
_exptl_crystal_grow.method          'VAPOR DIFFUSION, HANGING DROP' 
_exptl_crystal_grow.temp            298 
_exptl_crystal_grow.temp_details    ? 
_exptl_crystal_grow.pH              8.5 
_exptl_crystal_grow.pdbx_details    '25% tert-butanol, 0.1M TRIS-HCL, pH 8.5, VAPOR DIFFUSION, HANGING DROP, temperature 298K' 
_exptl_crystal_grow.pdbx_pH_range   . 
# 
_diffrn.id                     1 
_diffrn.ambient_temp           100 
_diffrn.ambient_temp_details   ? 
_diffrn.crystal_id             1 
# 
_diffrn_detector.diffrn_id              1 
_diffrn_detector.detector               'IMAGE PLATE' 
_diffrn_detector.type                   'RIGAKU RAXIS IV' 
_diffrn_detector.pdbx_collection_date   1998-12-01 
_diffrn_detector.details                ? 
# 
_diffrn_radiation.diffrn_id                        1 
_diffrn_radiation.wavelength_id                    1 
_diffrn_radiation.pdbx_monochromatic_or_laue_m_l   M 
_diffrn_radiation.monochromator                    ? 
_diffrn_radiation.pdbx_diffrn_protocol             'SINGLE WAVELENGTH' 
_diffrn_radiation.pdbx_scattering_type             x-ray 
# 
_diffrn_radiation_wavelength.id           1 
_diffrn_radiation_wavelength.wavelength   1.28 
_diffrn_radiation_wavelength.wt           1.0 
# 
_diffrn_source.diffrn_id                   1 
_diffrn_source.source                      SYNCHROTRON 
_diffrn_source.type                        'NSLS BEAMLINE X4A' 
_diffrn_source.pdbx_synchrotron_site       NSLS 
_diffrn_source.pdbx_synchrotron_beamline   X4A 
_diffrn_source.pdbx_wavelength             1.28 
_diffrn_source.pdbx_wavelength_list        ? 
# 
_reflns.entry_id                     1JEK 
_reflns.observed_criterion_sigma_I   0.0 
_reflns.observed_criterion_sigma_F   ? 
_reflns.d_resolution_low             25.0 
_reflns.d_resolution_high            1.5 
_reflns.number_obs                   16300 
_reflns.number_all                   ? 
_reflns.percent_possible_obs         90.1 
_reflns.pdbx_Rmerge_I_obs            0.0660000 
_reflns.pdbx_Rsym_value              0.0660000 
_reflns.pdbx_netI_over_sigmaI        13.9 
_reflns.B_iso_Wilson_estimate        22.9 
_reflns.pdbx_redundancy              7.5 
_reflns.R_free_details               ? 
_reflns.limit_h_max                  ? 
_reflns.limit_h_min                  ? 
_reflns.limit_k_max                  ? 
_reflns.limit_k_min                  ? 
_reflns.limit_l_max                  ? 
_reflns.limit_l_min                  ? 
_reflns.observed_criterion_F_max     ? 
_reflns.observed_criterion_F_min     ? 
_reflns.pdbx_ordinal                 1 
_reflns.pdbx_diffrn_id               1 
# 
_reflns_shell.d_res_high             1.5 
_reflns_shell.d_res_low              1.52 
_reflns_shell.percent_possible_all   64.7 
_reflns_shell.Rmerge_I_obs           0.1380000 
_reflns_shell.pdbx_Rsym_value        0.1380000 
_reflns_shell.meanI_over_sigI_obs    2.5 
_reflns_shell.pdbx_redundancy        1.5 
_reflns_shell.percent_possible_obs   ? 
_reflns_shell.number_unique_all      ? 
_reflns_shell.pdbx_ordinal           1 
_reflns_shell.pdbx_diffrn_id         1 
# 
_refine.entry_id                                 1JEK 
_refine.ls_number_reflns_obs                     15369 
_refine.ls_number_reflns_all                     ? 
_refine.pdbx_ls_sigma_I                          ? 
_refine.pdbx_ls_sigma_F                          0.0 
_refine.pdbx_data_cutoff_high_absF               914104.10 
_refine.pdbx_data_cutoff_low_absF                0.00 
_refine.ls_d_res_low                             9.96 
_refine.ls_d_res_high                            1.50 
_refine.ls_percent_reflns_obs                    94.9 
_refine.ls_R_factor_obs                          0.2130000 
_refine.ls_R_factor_all                          ? 
_refine.ls_R_factor_R_work                       0.2130000 
_refine.ls_R_factor_R_free                       0.2650000 
_refine.ls_R_factor_R_free_error                 0.007 
_refine.ls_R_factor_R_free_error_details         ? 
_refine.ls_percent_reflns_R_free                 10.1 
_refine.ls_number_reflns_R_free                  1559 
_refine.ls_number_parameters                     ? 
_refine.ls_number_restraints                     ? 
_refine.occupancy_min                            ? 
_refine.occupancy_max                            ? 
_refine.B_iso_mean                               31.1 
_refine.aniso_B[1][1]                            6.82 
_refine.aniso_B[2][2]                            6.82 
_refine.aniso_B[3][3]                            -13.64 
_refine.aniso_B[1][2]                            3.16 
_refine.aniso_B[1][3]                            0.00 
_refine.aniso_B[2][3]                            0.00 
_refine.solvent_model_details                    'FLAT MODEL' 
_refine.solvent_model_param_ksol                 0.451 
_refine.solvent_model_param_bsol                 94.78 
_refine.pdbx_ls_cross_valid_method               THROUGHOUT 
_refine.details                                  ? 
_refine.pdbx_starting_model                      'PDB ENTRY 2SIV' 
_refine.pdbx_method_to_determine_struct          'MOLECULAR REPLACEMENT' 
_refine.pdbx_isotropic_thermal_model             RESTRAINED 
_refine.pdbx_stereochemistry_target_values       ? 
_refine.pdbx_stereochem_target_val_spec_case     ? 
_refine.pdbx_R_Free_selection_details            RANDOM 
_refine.pdbx_overall_ESU_R_Free                  ? 
_refine.overall_SU_B                             ? 
_refine.ls_redundancy_reflns_obs                 ? 
_refine.B_iso_min                                ? 
_refine.B_iso_max                                ? 
_refine.correlation_coeff_Fo_to_Fc               ? 
_refine.correlation_coeff_Fo_to_Fc_free          ? 
_refine.overall_SU_R_Cruickshank_DPI             ? 
_refine.overall_SU_R_free                        ? 
_refine.overall_SU_ML                            ? 
_refine.pdbx_overall_ESU_R                       ? 
_refine.pdbx_data_cutoff_high_rms_absF           ? 
_refine.pdbx_refine_id                           'X-RAY DIFFRACTION' 
_refine.pdbx_diffrn_id                           1 
_refine.pdbx_TLS_residual_ADP_flag               ? 
_refine.pdbx_solvent_vdw_probe_radii             ? 
_refine.pdbx_solvent_ion_probe_radii             ? 
_refine.pdbx_solvent_shrinkage_radii             ? 
_refine.pdbx_overall_phase_error                 ? 
_refine.pdbx_overall_SU_R_free_Cruickshank_DPI   ? 
_refine.pdbx_overall_SU_R_Blow_DPI               ? 
_refine.pdbx_overall_SU_R_free_Blow_DPI          ? 
# 
_refine_analyze.entry_id                        1JEK 
_refine_analyze.Luzzati_coordinate_error_obs    0.19 
_refine_analyze.Luzzati_sigma_a_obs             0.21 
_refine_analyze.Luzzati_d_res_low_obs           5.00 
_refine_analyze.Luzzati_coordinate_error_free   0.24 
_refine_analyze.Luzzati_sigma_a_free            0.22 
_refine_analyze.Luzzati_d_res_low_free          ? 
_refine_analyze.number_disordered_residues      ? 
_refine_analyze.occupancy_sum_hydrogen          ? 
_refine_analyze.occupancy_sum_non_hydrogen      ? 
_refine_analyze.pdbx_Luzzati_d_res_high_obs     ? 
_refine_analyze.pdbx_refine_id                  'X-RAY DIFFRACTION' 
# 
_refine_hist.pdbx_refine_id                   'X-RAY DIFFRACTION' 
_refine_hist.cycle_id                         LAST 
_refine_hist.pdbx_number_atoms_protein        598 
_refine_hist.pdbx_number_atoms_nucleic_acid   0 
_refine_hist.pdbx_number_atoms_ligand         0 
_refine_hist.number_atoms_solvent             142 
_refine_hist.number_atoms_total               740 
_refine_hist.d_res_high                       1.50 
_refine_hist.d_res_low                        9.96 
# 
loop_
_refine_ls_restr.type 
_refine_ls_restr.dev_ideal 
_refine_ls_restr.dev_ideal_target 
_refine_ls_restr.weight 
_refine_ls_restr.number 
_refine_ls_restr.pdbx_refine_id 
_refine_ls_restr.pdbx_restraint_function 
c_bond_d                0.012 ? ? ? 'X-RAY DIFFRACTION' ? 
c_bond_d_na             ?     ? ? ? 'X-RAY DIFFRACTION' ? 
c_bond_d_prot           ?     ? ? ? 'X-RAY DIFFRACTION' ? 
c_angle_d               ?     ? ? ? 'X-RAY DIFFRACTION' ? 
c_angle_d_na            ?     ? ? ? 'X-RAY DIFFRACTION' ? 
c_angle_d_prot          ?     ? ? ? 'X-RAY DIFFRACTION' ? 
c_angle_deg             1.3   ? ? ? 'X-RAY DIFFRACTION' ? 
c_angle_deg_na          ?     ? ? ? 'X-RAY DIFFRACTION' ? 
c_angle_deg_prot        ?     ? ? ? 'X-RAY DIFFRACTION' ? 
c_dihedral_angle_d      13.9  ? ? ? 'X-RAY DIFFRACTION' ? 
c_dihedral_angle_d_na   ?     ? ? ? 'X-RAY DIFFRACTION' ? 
c_dihedral_angle_d_prot ?     ? ? ? 'X-RAY DIFFRACTION' ? 
c_improper_angle_d      0.99  ? ? ? 'X-RAY DIFFRACTION' ? 
c_improper_angle_d_na   ?     ? ? ? 'X-RAY DIFFRACTION' ? 
c_improper_angle_d_prot ?     ? ? ? 'X-RAY DIFFRACTION' ? 
c_mcbond_it             ?     ? ? ? 'X-RAY DIFFRACTION' ? 
c_mcangle_it            ?     ? ? ? 'X-RAY DIFFRACTION' ? 
c_scbond_it             ?     ? ? ? 'X-RAY DIFFRACTION' ? 
c_scangle_it            ?     ? ? ? 'X-RAY DIFFRACTION' ? 
# 
_refine_ls_shell.pdbx_total_number_of_bins_used   6 
_refine_ls_shell.d_res_high                       1.50 
_refine_ls_shell.d_res_low                        1.59 
_refine_ls_shell.number_reflns_R_work             1723 
_refine_ls_shell.R_factor_R_work                  0.3190000 
_refine_ls_shell.percent_reflns_obs               72.6 
_refine_ls_shell.R_factor_R_free                  0.3630000 
_refine_ls_shell.R_factor_R_free_error            0.026 
_refine_ls_shell.percent_reflns_R_free            10.5 
_refine_ls_shell.number_reflns_R_free             202 
_refine_ls_shell.number_reflns_obs                ? 
_refine_ls_shell.redundancy_reflns_obs            ? 
_refine_ls_shell.number_reflns_all                ? 
_refine_ls_shell.pdbx_refine_id                   'X-RAY DIFFRACTION' 
_refine_ls_shell.R_factor_all                     ? 
# 
loop_
_pdbx_xplor_file.serial_no 
_pdbx_xplor_file.param_file 
_pdbx_xplor_file.topol_file 
_pdbx_xplor_file.pdbx_refine_id 
1 PROTEIN_REP.PARAM PROTEIN.TOP 'X-RAY DIFFRACTION' 
2 ION.PARAM         ?           'X-RAY DIFFRACTION' 
3 WATER_REP.PARAM   ?           'X-RAY DIFFRACTION' 
# 
_struct.entry_id                  1JEK 
_struct.title                     'Visna TM CORE STRUCTURE' 
_struct.pdbx_model_details        ? 
_struct.pdbx_CASP_flag            ? 
_struct.pdbx_model_type_details   ? 
# 
_struct_keywords.entry_id        1JEK 
_struct_keywords.pdbx_keywords   'VIRAL PROTEIN' 
_struct_keywords.text            'ENVELOPE GLYCOPROTEIN, RETROVIRUS, HIV, SIV, GP41, Viral protein' 
# 
loop_
_struct_asym.id 
_struct_asym.pdbx_blank_PDB_chainid_flag 
_struct_asym.pdbx_modified 
_struct_asym.entity_id 
_struct_asym.details 
A N N 1 ? 
B N N 2 ? 
C N N 3 ? 
D N N 3 ? 
# 
loop_
_struct_ref.id 
_struct_ref.db_name 
_struct_ref.db_code 
_struct_ref.entity_id 
_struct_ref.pdbx_db_accession 
_struct_ref.pdbx_align_begin 
_struct_ref.pdbx_seq_one_letter_code 
_struct_ref.pdbx_db_isoform 
1 UNP ENV_VILVK 1 P35954 693 QSLANATAAQQEVLEASYAMVQHIAKGIRILEARVARVEA ? 
2 UNP ENV_VILVK 2 P35954 775 WQQWEEEIEQHEGNLSLLLREAALQVHIAQRDAR       ? 
# 
loop_
_struct_ref_seq.align_id 
_struct_ref_seq.ref_id 
_struct_ref_seq.pdbx_PDB_id_code 
_struct_ref_seq.pdbx_strand_id 
_struct_ref_seq.seq_align_beg 
_struct_ref_seq.pdbx_seq_align_beg_ins_code 
_struct_ref_seq.seq_align_end 
_struct_ref_seq.pdbx_seq_align_end_ins_code 
_struct_ref_seq.pdbx_db_accession 
_struct_ref_seq.db_align_beg 
_struct_ref_seq.pdbx_db_align_beg_ins_code 
_struct_ref_seq.db_align_end 
_struct_ref_seq.pdbx_db_align_end_ins_code 
_struct_ref_seq.pdbx_auth_seq_align_beg 
_struct_ref_seq.pdbx_auth_seq_align_end 
1 1 1JEK A 2 ? 41 ? P35954 693 ? 732 ? 546 585 
2 2 1JEK B 2 ? 35 ? P35954 775 ? 808 ? 628 661 
# 
_pdbx_struct_assembly.id                   1 
_pdbx_struct_assembly.details              author_and_software_defined_assembly 
_pdbx_struct_assembly.method_details       PISA,PQS 
_pdbx_struct_assembly.oligomeric_details   hexameric 
_pdbx_struct_assembly.oligomeric_count     6 
# 
loop_
_pdbx_struct_assembly_prop.biol_id 
_pdbx_struct_assembly_prop.type 
_pdbx_struct_assembly_prop.value 
_pdbx_struct_assembly_prop.details 
1 'ABSA (A^2)' 13060 ? 
1 MORE         -103  ? 
1 'SSA (A^2)'  11000 ? 
# 
_pdbx_struct_assembly_gen.assembly_id       1 
_pdbx_struct_assembly_gen.oper_expression   1,2,3 
_pdbx_struct_assembly_gen.asym_id_list      A,B,C,D 
# 
loop_
_pdbx_struct_oper_list.id 
_pdbx_struct_oper_list.type 
_pdbx_struct_oper_list.name 
_pdbx_struct_oper_list.symmetry_operation 
_pdbx_struct_oper_list.matrix[1][1] 
_pdbx_struct_oper_list.matrix[1][2] 
_pdbx_struct_oper_list.matrix[1][3] 
_pdbx_struct_oper_list.vector[1] 
_pdbx_struct_oper_list.matrix[2][1] 
_pdbx_struct_oper_list.matrix[2][2] 
_pdbx_struct_oper_list.matrix[2][3] 
_pdbx_struct_oper_list.vector[2] 
_pdbx_struct_oper_list.matrix[3][1] 
_pdbx_struct_oper_list.matrix[3][2] 
_pdbx_struct_oper_list.matrix[3][3] 
_pdbx_struct_oper_list.vector[3] 
1 'identity operation'         1_555 x,y,z        1.0000000000  0.0000000000  0.0000000000 0.0000000000  0.0000000000  1.0000000000  0.0000000000  0.0000000000  0.0000000000 0.0000000000  1.0000000000 0.0000000000 
2 'crystal symmetry operation' 2_665 -y+1,x-y+1,z -0.1885499786 -0.5540366311 0.8108589994 -8.6395896971 0.9174022654  -0.3940162345 -0.0558953526 7.5353017814  0.3504596825 0.7333448155  0.5825662131 2.2763183975 
3 'crystal symmetry operation' 3_565 -x+y,-x+1,z  -0.1885499786 0.9174022654  0.3504596825 -9.3396552001 -0.5540366311 -0.3940162345 0.7333448155  -3.4869442310 0.8108589994 -0.0558953526 0.5825662131 6.1005712184 
# 
_struct_biol.id                    1 
_struct_biol.details               'Trimer is formed around the crystallographic 3-fold axis' 
_struct_biol.pdbx_parent_biol_id   ? 
# 
loop_
_struct_conf.conf_type_id 
_struct_conf.id 
_struct_conf.pdbx_PDB_helix_id 
_struct_conf.beg_label_comp_id 
_struct_conf.beg_label_asym_id 
_struct_conf.beg_label_seq_id 
_struct_conf.pdbx_beg_PDB_ins_code 
_struct_conf.end_label_comp_id 
_struct_conf.end_label_asym_id 
_struct_conf.end_label_seq_id 
_struct_conf.pdbx_end_PDB_ins_code 
_struct_conf.beg_auth_comp_id 
_struct_conf.beg_auth_asym_id 
_struct_conf.beg_auth_seq_id 
_struct_conf.end_auth_comp_id 
_struct_conf.end_auth_asym_id 
_struct_conf.end_auth_seq_id 
_struct_conf.pdbx_PDB_helix_class 
_struct_conf.details 
_struct_conf.pdbx_PDB_helix_length 
HELX_P HELX_P1 1 GLN A 2 ? ALA A 41 ? GLN A 546 ALA A 585 1 ? 40 
HELX_P HELX_P2 2 TRP B 2 ? ARG B 35 ? TRP B 628 ARG B 661 1 ? 34 
# 
_struct_conf_type.id          HELX_P 
_struct_conf_type.criteria    ? 
_struct_conf_type.reference   ? 
# 
loop_
_struct_conn.id 
_struct_conn.conn_type_id 
_struct_conn.pdbx_leaving_atom_flag 
_struct_conn.pdbx_PDB_id 
_struct_conn.ptnr1_label_asym_id 
_struct_conn.ptnr1_label_comp_id 
_struct_conn.ptnr1_label_seq_id 
_struct_conn.ptnr1_label_atom_id 
_struct_conn.pdbx_ptnr1_label_alt_id 
_struct_conn.pdbx_ptnr1_PDB_ins_code 
_struct_conn.pdbx_ptnr1_standard_comp_id 
_struct_conn.ptnr1_symmetry 
_struct_conn.ptnr2_label_asym_id 
_struct_conn.ptnr2_label_comp_id 
_struct_conn.ptnr2_label_seq_id 
_struct_conn.ptnr2_label_atom_id 
_struct_conn.pdbx_ptnr2_label_alt_id 
_struct_conn.pdbx_ptnr2_PDB_ins_code 
_struct_conn.ptnr1_auth_asym_id 
_struct_conn.ptnr1_auth_comp_id 
_struct_conn.ptnr1_auth_seq_id 
_struct_conn.ptnr2_auth_asym_id 
_struct_conn.ptnr2_auth_comp_id 
_struct_conn.ptnr2_auth_seq_id 
_struct_conn.ptnr2_symmetry 
_struct_conn.pdbx_ptnr3_label_atom_id 
_struct_conn.pdbx_ptnr3_label_seq_id 
_struct_conn.pdbx_ptnr3_label_comp_id 
_struct_conn.pdbx_ptnr3_label_asym_id 
_struct_conn.pdbx_ptnr3_label_alt_id 
_struct_conn.pdbx_ptnr3_PDB_ins_code 
_struct_conn.details 
_struct_conn.pdbx_dist_value 
_struct_conn.pdbx_value_order 
_struct_conn.pdbx_role 
covale1 covale both ? A ACE 1  C ? ? ? 1_555 A GLN 2  N ? ? A ACE 545 A GLN 546 1_555 ? ? ? ? ? ? ? 1.332 ? ? 
covale2 covale both ? A ALA 41 C ? ? ? 1_555 A NH2 42 N ? ? A ALA 585 A NH2 586 1_555 ? ? ? ? ? ? ? 1.322 ? ? 
covale3 covale both ? B ACE 1  C ? ? ? 1_555 B TRP 2  N ? ? B ACE 627 B TRP 628 1_555 ? ? ? ? ? ? ? 1.323 ? ? 
covale4 covale both ? B ARG 35 C ? ? ? 1_555 B NH2 36 N ? ? B ARG 661 B NH2 662 1_555 ? ? ? ? ? ? ? 1.323 ? ? 
# 
_struct_conn_type.id          covale 
_struct_conn_type.criteria    ? 
_struct_conn_type.reference   ? 
# 
loop_
_pdbx_modification_feature.ordinal 
_pdbx_modification_feature.label_comp_id 
_pdbx_modification_feature.label_asym_id 
_pdbx_modification_feature.label_seq_id 
_pdbx_modification_feature.label_alt_id 
_pdbx_modification_feature.modified_residue_label_comp_id 
_pdbx_modification_feature.modified_residue_label_asym_id 
_pdbx_modification_feature.modified_residue_label_seq_id 
_pdbx_modification_feature.modified_residue_label_alt_id 
_pdbx_modification_feature.auth_comp_id 
_pdbx_modification_feature.auth_asym_id 
_pdbx_modification_feature.auth_seq_id 
_pdbx_modification_feature.PDB_ins_code 
_pdbx_modification_feature.symmetry 
_pdbx_modification_feature.modified_residue_auth_comp_id 
_pdbx_modification_feature.modified_residue_auth_asym_id 
_pdbx_modification_feature.modified_residue_auth_seq_id 
_pdbx_modification_feature.modified_residue_PDB_ins_code 
_pdbx_modification_feature.modified_residue_symmetry 
_pdbx_modification_feature.comp_id_linking_atom 
_pdbx_modification_feature.modified_residue_id_linking_atom 
_pdbx_modification_feature.modified_residue_id 
_pdbx_modification_feature.ref_pcm_id 
_pdbx_modification_feature.ref_comp_id 
_pdbx_modification_feature.type 
_pdbx_modification_feature.category 
1 ACE A 1  ? GLN A 2  ? ACE A 545 ? 1_555 GLN A 546 ? 1_555 . . GLN 18 ACE None 'Terminal acetylation' 
2 ACE B 1  ? TRP B 2  ? ACE B 627 ? 1_555 TRP B 628 ? 1_555 . . TRP 16 ACE None 'Terminal acetylation' 
3 NH2 A 42 ? ALA A 41 ? NH2 A 586 ? 1_555 ALA A 585 ? 1_555 . . ALA 1  NH2 None 'Terminal amidation'   
4 NH2 B 36 ? ARG B 35 ? NH2 B 662 ? 1_555 ARG B 661 ? 1_555 . . ARG 8  NH2 None 'Terminal amidation'   
# 
loop_
_struct_site.id 
_struct_site.pdbx_evidence_code 
_struct_site.pdbx_auth_asym_id 
_struct_site.pdbx_auth_comp_id 
_struct_site.pdbx_auth_seq_id 
_struct_site.pdbx_auth_ins_code 
_struct_site.pdbx_num_residues 
_struct_site.details 
AC1 Software A ACE 545 ? 2 'BINDING SITE FOR RESIDUE ACE A 545' 
AC2 Software B ACE 627 ? 3 'BINDING SITE FOR RESIDUE ACE B 627' 
AC3 Software A NH2 586 ? 2 'BINDING SITE FOR RESIDUE NH2 A 586' 
AC4 Software B NH2 662 ? 2 'BINDING SITE FOR RESIDUE NH2 B 662' 
# 
loop_
_struct_site_gen.id 
_struct_site_gen.site_id 
_struct_site_gen.pdbx_num_res 
_struct_site_gen.label_comp_id 
_struct_site_gen.label_asym_id 
_struct_site_gen.label_seq_id 
_struct_site_gen.pdbx_auth_ins_code 
_struct_site_gen.auth_comp_id 
_struct_site_gen.auth_asym_id 
_struct_site_gen.auth_seq_id 
_struct_site_gen.label_atom_id 
_struct_site_gen.label_alt_id 
_struct_site_gen.symmetry 
_struct_site_gen.details 
1 AC1 2 ALA A 5  ? ALA A 549 . ? 3_565 ? 
2 AC1 2 HOH D .  ? HOH B 66  . ? 1_555 ? 
3 AC2 3 GLN B 3  ? GLN B 629 . ? 3_565 ? 
4 AC2 3 TRP B 5  ? TRP B 631 . ? 3_565 ? 
5 AC2 3 HOH D .  ? HOH B 47  . ? 3_565 ? 
6 AC3 2 ALA A 41 ? ALA A 585 . ? 3_565 ? 
7 AC3 2 HOH D .  ? HOH B 12  . ? 3_565 ? 
8 AC4 2 ALA B 34 ? ALA B 660 . ? 2_665 ? 
9 AC4 2 ARG B 35 ? ARG B 661 . ? 2_665 ? 
# 
_pdbx_entry_details.entry_id                   1JEK 
_pdbx_entry_details.compound_details           ? 
_pdbx_entry_details.source_details             ? 
_pdbx_entry_details.nonpolymer_details         ? 
_pdbx_entry_details.sequence_details           ? 
_pdbx_entry_details.has_ligand_of_interest     ? 
_pdbx_entry_details.has_protein_modification   Y 
# 
_pdbx_validate_symm_contact.id                1 
_pdbx_validate_symm_contact.PDB_model_num     1 
_pdbx_validate_symm_contact.auth_atom_id_1    OE2 
_pdbx_validate_symm_contact.auth_asym_id_1    B 
_pdbx_validate_symm_contact.auth_comp_id_1    GLU 
_pdbx_validate_symm_contact.auth_seq_id_1     632 
_pdbx_validate_symm_contact.PDB_ins_code_1    ? 
_pdbx_validate_symm_contact.label_alt_id_1    ? 
_pdbx_validate_symm_contact.site_symmetry_1   1_555 
_pdbx_validate_symm_contact.auth_atom_id_2    O 
_pdbx_validate_symm_contact.auth_asym_id_2    A 
_pdbx_validate_symm_contact.auth_comp_id_2    HOH 
_pdbx_validate_symm_contact.auth_seq_id_2     107 
_pdbx_validate_symm_contact.PDB_ins_code_2    ? 
_pdbx_validate_symm_contact.label_alt_id_2    ? 
_pdbx_validate_symm_contact.site_symmetry_2   3_565 
_pdbx_validate_symm_contact.dist              2.12 
# 
loop_
_pdbx_struct_special_symmetry.id 
_pdbx_struct_special_symmetry.PDB_model_num 
_pdbx_struct_special_symmetry.auth_asym_id 
_pdbx_struct_special_symmetry.auth_comp_id 
_pdbx_struct_special_symmetry.auth_seq_id 
_pdbx_struct_special_symmetry.PDB_ins_code 
_pdbx_struct_special_symmetry.label_asym_id 
_pdbx_struct_special_symmetry.label_comp_id 
_pdbx_struct_special_symmetry.label_seq_id 
1 1 A HOH 1  ? C HOH . 
2 1 A HOH 4  ? C HOH . 
3 1 A HOH 40 ? C HOH . 
4 1 A HOH 46 ? C HOH . 
5 1 B HOH 42 ? D HOH . 
# 
loop_
_chem_comp_atom.comp_id 
_chem_comp_atom.atom_id 
_chem_comp_atom.type_symbol 
_chem_comp_atom.pdbx_aromatic_flag 
_chem_comp_atom.pdbx_stereo_config 
_chem_comp_atom.pdbx_ordinal 
ACE C    C N N 1   
ACE O    O N N 2   
ACE CH3  C N N 3   
ACE H    H N N 4   
ACE H1   H N N 5   
ACE H2   H N N 6   
ACE H3   H N N 7   
ALA N    N N N 8   
ALA CA   C N S 9   
ALA C    C N N 10  
ALA O    O N N 11  
ALA CB   C N N 12  
ALA OXT  O N N 13  
ALA H    H N N 14  
ALA H2   H N N 15  
ALA HA   H N N 16  
ALA HB1  H N N 17  
ALA HB2  H N N 18  
ALA HB3  H N N 19  
ALA HXT  H N N 20  
ARG N    N N N 21  
ARG CA   C N S 22  
ARG C    C N N 23  
ARG O    O N N 24  
ARG CB   C N N 25  
ARG CG   C N N 26  
ARG CD   C N N 27  
ARG NE   N N N 28  
ARG CZ   C N N 29  
ARG NH1  N N N 30  
ARG NH2  N N N 31  
ARG OXT  O N N 32  
ARG H    H N N 33  
ARG H2   H N N 34  
ARG HA   H N N 35  
ARG HB2  H N N 36  
ARG HB3  H N N 37  
ARG HG2  H N N 38  
ARG HG3  H N N 39  
ARG HD2  H N N 40  
ARG HD3  H N N 41  
ARG HE   H N N 42  
ARG HH11 H N N 43  
ARG HH12 H N N 44  
ARG HH21 H N N 45  
ARG HH22 H N N 46  
ARG HXT  H N N 47  
ASN N    N N N 48  
ASN CA   C N S 49  
ASN C    C N N 50  
ASN O    O N N 51  
ASN CB   C N N 52  
ASN CG   C N N 53  
ASN OD1  O N N 54  
ASN ND2  N N N 55  
ASN OXT  O N N 56  
ASN H    H N N 57  
ASN H2   H N N 58  
ASN HA   H N N 59  
ASN HB2  H N N 60  
ASN HB3  H N N 61  
ASN HD21 H N N 62  
ASN HD22 H N N 63  
ASN HXT  H N N 64  
ASP N    N N N 65  
ASP CA   C N S 66  
ASP C    C N N 67  
ASP O    O N N 68  
ASP CB   C N N 69  
ASP CG   C N N 70  
ASP OD1  O N N 71  
ASP OD2  O N N 72  
ASP OXT  O N N 73  
ASP H    H N N 74  
ASP H2   H N N 75  
ASP HA   H N N 76  
ASP HB2  H N N 77  
ASP HB3  H N N 78  
ASP HD2  H N N 79  
ASP HXT  H N N 80  
GLN N    N N N 81  
GLN CA   C N S 82  
GLN C    C N N 83  
GLN O    O N N 84  
GLN CB   C N N 85  
GLN CG   C N N 86  
GLN CD   C N N 87  
GLN OE1  O N N 88  
GLN NE2  N N N 89  
GLN OXT  O N N 90  
GLN H    H N N 91  
GLN H2   H N N 92  
GLN HA   H N N 93  
GLN HB2  H N N 94  
GLN HB3  H N N 95  
GLN HG2  H N N 96  
GLN HG3  H N N 97  
GLN HE21 H N N 98  
GLN HE22 H N N 99  
GLN HXT  H N N 100 
GLU N    N N N 101 
GLU CA   C N S 102 
GLU C    C N N 103 
GLU O    O N N 104 
GLU CB   C N N 105 
GLU CG   C N N 106 
GLU CD   C N N 107 
GLU OE1  O N N 108 
GLU OE2  O N N 109 
GLU OXT  O N N 110 
GLU H    H N N 111 
GLU H2   H N N 112 
GLU HA   H N N 113 
GLU HB2  H N N 114 
GLU HB3  H N N 115 
GLU HG2  H N N 116 
GLU HG3  H N N 117 
GLU HE2  H N N 118 
GLU HXT  H N N 119 
GLY N    N N N 120 
GLY CA   C N N 121 
GLY C    C N N 122 
GLY O    O N N 123 
GLY OXT  O N N 124 
GLY H    H N N 125 
GLY H2   H N N 126 
GLY HA2  H N N 127 
GLY HA3  H N N 128 
GLY HXT  H N N 129 
HIS N    N N N 130 
HIS CA   C N S 131 
HIS C    C N N 132 
HIS O    O N N 133 
HIS CB   C N N 134 
HIS CG   C Y N 135 
HIS ND1  N Y N 136 
HIS CD2  C Y N 137 
HIS CE1  C Y N 138 
HIS NE2  N Y N 139 
HIS OXT  O N N 140 
HIS H    H N N 141 
HIS H2   H N N 142 
HIS HA   H N N 143 
HIS HB2  H N N 144 
HIS HB3  H N N 145 
HIS HD1  H N N 146 
HIS HD2  H N N 147 
HIS HE1  H N N 148 
HIS HE2  H N N 149 
HIS HXT  H N N 150 
HOH O    O N N 151 
HOH H1   H N N 152 
HOH H2   H N N 153 
ILE N    N N N 154 
ILE CA   C N S 155 
ILE C    C N N 156 
ILE O    O N N 157 
ILE CB   C N S 158 
ILE CG1  C N N 159 
ILE CG2  C N N 160 
ILE CD1  C N N 161 
ILE OXT  O N N 162 
ILE H    H N N 163 
ILE H2   H N N 164 
ILE HA   H N N 165 
ILE HB   H N N 166 
ILE HG12 H N N 167 
ILE HG13 H N N 168 
ILE HG21 H N N 169 
ILE HG22 H N N 170 
ILE HG23 H N N 171 
ILE HD11 H N N 172 
ILE HD12 H N N 173 
ILE HD13 H N N 174 
ILE HXT  H N N 175 
LEU N    N N N 176 
LEU CA   C N S 177 
LEU C    C N N 178 
LEU O    O N N 179 
LEU CB   C N N 180 
LEU CG   C N N 181 
LEU CD1  C N N 182 
LEU CD2  C N N 183 
LEU OXT  O N N 184 
LEU H    H N N 185 
LEU H2   H N N 186 
LEU HA   H N N 187 
LEU HB2  H N N 188 
LEU HB3  H N N 189 
LEU HG   H N N 190 
LEU HD11 H N N 191 
LEU HD12 H N N 192 
LEU HD13 H N N 193 
LEU HD21 H N N 194 
LEU HD22 H N N 195 
LEU HD23 H N N 196 
LEU HXT  H N N 197 
LYS N    N N N 198 
LYS CA   C N S 199 
LYS C    C N N 200 
LYS O    O N N 201 
LYS CB   C N N 202 
LYS CG   C N N 203 
LYS CD   C N N 204 
LYS CE   C N N 205 
LYS NZ   N N N 206 
LYS OXT  O N N 207 
LYS H    H N N 208 
LYS H2   H N N 209 
LYS HA   H N N 210 
LYS HB2  H N N 211 
LYS HB3  H N N 212 
LYS HG2  H N N 213 
LYS HG3  H N N 214 
LYS HD2  H N N 215 
LYS HD3  H N N 216 
LYS HE2  H N N 217 
LYS HE3  H N N 218 
LYS HZ1  H N N 219 
LYS HZ2  H N N 220 
LYS HZ3  H N N 221 
LYS HXT  H N N 222 
MET N    N N N 223 
MET CA   C N S 224 
MET C    C N N 225 
MET O    O N N 226 
MET CB   C N N 227 
MET CG   C N N 228 
MET SD   S N N 229 
MET CE   C N N 230 
MET OXT  O N N 231 
MET H    H N N 232 
MET H2   H N N 233 
MET HA   H N N 234 
MET HB2  H N N 235 
MET HB3  H N N 236 
MET HG2  H N N 237 
MET HG3  H N N 238 
MET HE1  H N N 239 
MET HE2  H N N 240 
MET HE3  H N N 241 
MET HXT  H N N 242 
NH2 N    N N N 243 
NH2 HN1  H N N 244 
NH2 HN2  H N N 245 
SER N    N N N 246 
SER CA   C N S 247 
SER C    C N N 248 
SER O    O N N 249 
SER CB   C N N 250 
SER OG   O N N 251 
SER OXT  O N N 252 
SER H    H N N 253 
SER H2   H N N 254 
SER HA   H N N 255 
SER HB2  H N N 256 
SER HB3  H N N 257 
SER HG   H N N 258 
SER HXT  H N N 259 
THR N    N N N 260 
THR CA   C N S 261 
THR C    C N N 262 
THR O    O N N 263 
THR CB   C N R 264 
THR OG1  O N N 265 
THR CG2  C N N 266 
THR OXT  O N N 267 
THR H    H N N 268 
THR H2   H N N 269 
THR HA   H N N 270 
THR HB   H N N 271 
THR HG1  H N N 272 
THR HG21 H N N 273 
THR HG22 H N N 274 
THR HG23 H N N 275 
THR HXT  H N N 276 
TRP N    N N N 277 
TRP CA   C N S 278 
TRP C    C N N 279 
TRP O    O N N 280 
TRP CB   C N N 281 
TRP CG   C Y N 282 
TRP CD1  C Y N 283 
TRP CD2  C Y N 284 
TRP NE1  N Y N 285 
TRP CE2  C Y N 286 
TRP CE3  C Y N 287 
TRP CZ2  C Y N 288 
TRP CZ3  C Y N 289 
TRP CH2  C Y N 290 
TRP OXT  O N N 291 
TRP H    H N N 292 
TRP H2   H N N 293 
TRP HA   H N N 294 
TRP HB2  H N N 295 
TRP HB3  H N N 296 
TRP HD1  H N N 297 
TRP HE1  H N N 298 
TRP HE3  H N N 299 
TRP HZ2  H N N 300 
TRP HZ3  H N N 301 
TRP HH2  H N N 302 
TRP HXT  H N N 303 
TYR N    N N N 304 
TYR CA   C N S 305 
TYR C    C N N 306 
TYR O    O N N 307 
TYR CB   C N N 308 
TYR CG   C Y N 309 
TYR CD1  C Y N 310 
TYR CD2  C Y N 311 
TYR CE1  C Y N 312 
TYR CE2  C Y N 313 
TYR CZ   C Y N 314 
TYR OH   O N N 315 
TYR OXT  O N N 316 
TYR H    H N N 317 
TYR H2   H N N 318 
TYR HA   H N N 319 
TYR HB2  H N N 320 
TYR HB3  H N N 321 
TYR HD1  H N N 322 
TYR HD2  H N N 323 
TYR HE1  H N N 324 
TYR HE2  H N N 325 
TYR HH   H N N 326 
TYR HXT  H N N 327 
VAL N    N N N 328 
VAL CA   C N S 329 
VAL C    C N N 330 
VAL O    O N N 331 
VAL CB   C N N 332 
VAL CG1  C N N 333 
VAL CG2  C N N 334 
VAL OXT  O N N 335 
VAL H    H N N 336 
VAL H2   H N N 337 
VAL HA   H N N 338 
VAL HB   H N N 339 
VAL HG11 H N N 340 
VAL HG12 H N N 341 
VAL HG13 H N N 342 
VAL HG21 H N N 343 
VAL HG22 H N N 344 
VAL HG23 H N N 345 
VAL HXT  H N N 346 
# 
loop_
_chem_comp_bond.comp_id 
_chem_comp_bond.atom_id_1 
_chem_comp_bond.atom_id_2 
_chem_comp_bond.value_order 
_chem_comp_bond.pdbx_aromatic_flag 
_chem_comp_bond.pdbx_stereo_config 
_chem_comp_bond.pdbx_ordinal 
ACE C   O    doub N N 1   
ACE C   CH3  sing N N 2   
ACE C   H    sing N N 3   
ACE CH3 H1   sing N N 4   
ACE CH3 H2   sing N N 5   
ACE CH3 H3   sing N N 6   
ALA N   CA   sing N N 7   
ALA N   H    sing N N 8   
ALA N   H2   sing N N 9   
ALA CA  C    sing N N 10  
ALA CA  CB   sing N N 11  
ALA CA  HA   sing N N 12  
ALA C   O    doub N N 13  
ALA C   OXT  sing N N 14  
ALA CB  HB1  sing N N 15  
ALA CB  HB2  sing N N 16  
ALA CB  HB3  sing N N 17  
ALA OXT HXT  sing N N 18  
ARG N   CA   sing N N 19  
ARG N   H    sing N N 20  
ARG N   H2   sing N N 21  
ARG CA  C    sing N N 22  
ARG CA  CB   sing N N 23  
ARG CA  HA   sing N N 24  
ARG C   O    doub N N 25  
ARG C   OXT  sing N N 26  
ARG CB  CG   sing N N 27  
ARG CB  HB2  sing N N 28  
ARG CB  HB3  sing N N 29  
ARG CG  CD   sing N N 30  
ARG CG  HG2  sing N N 31  
ARG CG  HG3  sing N N 32  
ARG CD  NE   sing N N 33  
ARG CD  HD2  sing N N 34  
ARG CD  HD3  sing N N 35  
ARG NE  CZ   sing N N 36  
ARG NE  HE   sing N N 37  
ARG CZ  NH1  sing N N 38  
ARG CZ  NH2  doub N N 39  
ARG NH1 HH11 sing N N 40  
ARG NH1 HH12 sing N N 41  
ARG NH2 HH21 sing N N 42  
ARG NH2 HH22 sing N N 43  
ARG OXT HXT  sing N N 44  
ASN N   CA   sing N N 45  
ASN N   H    sing N N 46  
ASN N   H2   sing N N 47  
ASN CA  C    sing N N 48  
ASN CA  CB   sing N N 49  
ASN CA  HA   sing N N 50  
ASN C   O    doub N N 51  
ASN C   OXT  sing N N 52  
ASN CB  CG   sing N N 53  
ASN CB  HB2  sing N N 54  
ASN CB  HB3  sing N N 55  
ASN CG  OD1  doub N N 56  
ASN CG  ND2  sing N N 57  
ASN ND2 HD21 sing N N 58  
ASN ND2 HD22 sing N N 59  
ASN OXT HXT  sing N N 60  
ASP N   CA   sing N N 61  
ASP N   H    sing N N 62  
ASP N   H2   sing N N 63  
ASP CA  C    sing N N 64  
ASP CA  CB   sing N N 65  
ASP CA  HA   sing N N 66  
ASP C   O    doub N N 67  
ASP C   OXT  sing N N 68  
ASP CB  CG   sing N N 69  
ASP CB  HB2  sing N N 70  
ASP CB  HB3  sing N N 71  
ASP CG  OD1  doub N N 72  
ASP CG  OD2  sing N N 73  
ASP OD2 HD2  sing N N 74  
ASP OXT HXT  sing N N 75  
GLN N   CA   sing N N 76  
GLN N   H    sing N N 77  
GLN N   H2   sing N N 78  
GLN CA  C    sing N N 79  
GLN CA  CB   sing N N 80  
GLN CA  HA   sing N N 81  
GLN C   O    doub N N 82  
GLN C   OXT  sing N N 83  
GLN CB  CG   sing N N 84  
GLN CB  HB2  sing N N 85  
GLN CB  HB3  sing N N 86  
GLN CG  CD   sing N N 87  
GLN CG  HG2  sing N N 88  
GLN CG  HG3  sing N N 89  
GLN CD  OE1  doub N N 90  
GLN CD  NE2  sing N N 91  
GLN NE2 HE21 sing N N 92  
GLN NE2 HE22 sing N N 93  
GLN OXT HXT  sing N N 94  
GLU N   CA   sing N N 95  
GLU N   H    sing N N 96  
GLU N   H2   sing N N 97  
GLU CA  C    sing N N 98  
GLU CA  CB   sing N N 99  
GLU CA  HA   sing N N 100 
GLU C   O    doub N N 101 
GLU C   OXT  sing N N 102 
GLU CB  CG   sing N N 103 
GLU CB  HB2  sing N N 104 
GLU CB  HB3  sing N N 105 
GLU CG  CD   sing N N 106 
GLU CG  HG2  sing N N 107 
GLU CG  HG3  sing N N 108 
GLU CD  OE1  doub N N 109 
GLU CD  OE2  sing N N 110 
GLU OE2 HE2  sing N N 111 
GLU OXT HXT  sing N N 112 
GLY N   CA   sing N N 113 
GLY N   H    sing N N 114 
GLY N   H2   sing N N 115 
GLY CA  C    sing N N 116 
GLY CA  HA2  sing N N 117 
GLY CA  HA3  sing N N 118 
GLY C   O    doub N N 119 
GLY C   OXT  sing N N 120 
GLY OXT HXT  sing N N 121 
HIS N   CA   sing N N 122 
HIS N   H    sing N N 123 
HIS N   H2   sing N N 124 
HIS CA  C    sing N N 125 
HIS CA  CB   sing N N 126 
HIS CA  HA   sing N N 127 
HIS C   O    doub N N 128 
HIS C   OXT  sing N N 129 
HIS CB  CG   sing N N 130 
HIS CB  HB2  sing N N 131 
HIS CB  HB3  sing N N 132 
HIS CG  ND1  sing Y N 133 
HIS CG  CD2  doub Y N 134 
HIS ND1 CE1  doub Y N 135 
HIS ND1 HD1  sing N N 136 
HIS CD2 NE2  sing Y N 137 
HIS CD2 HD2  sing N N 138 
HIS CE1 NE2  sing Y N 139 
HIS CE1 HE1  sing N N 140 
HIS NE2 HE2  sing N N 141 
HIS OXT HXT  sing N N 142 
HOH O   H1   sing N N 143 
HOH O   H2   sing N N 144 
ILE N   CA   sing N N 145 
ILE N   H    sing N N 146 
ILE N   H2   sing N N 147 
ILE CA  C    sing N N 148 
ILE CA  CB   sing N N 149 
ILE CA  HA   sing N N 150 
ILE C   O    doub N N 151 
ILE C   OXT  sing N N 152 
ILE CB  CG1  sing N N 153 
ILE CB  CG2  sing N N 154 
ILE CB  HB   sing N N 155 
ILE CG1 CD1  sing N N 156 
ILE CG1 HG12 sing N N 157 
ILE CG1 HG13 sing N N 158 
ILE CG2 HG21 sing N N 159 
ILE CG2 HG22 sing N N 160 
ILE CG2 HG23 sing N N 161 
ILE CD1 HD11 sing N N 162 
ILE CD1 HD12 sing N N 163 
ILE CD1 HD13 sing N N 164 
ILE OXT HXT  sing N N 165 
LEU N   CA   sing N N 166 
LEU N   H    sing N N 167 
LEU N   H2   sing N N 168 
LEU CA  C    sing N N 169 
LEU CA  CB   sing N N 170 
LEU CA  HA   sing N N 171 
LEU C   O    doub N N 172 
LEU C   OXT  sing N N 173 
LEU CB  CG   sing N N 174 
LEU CB  HB2  sing N N 175 
LEU CB  HB3  sing N N 176 
LEU CG  CD1  sing N N 177 
LEU CG  CD2  sing N N 178 
LEU CG  HG   sing N N 179 
LEU CD1 HD11 sing N N 180 
LEU CD1 HD12 sing N N 181 
LEU CD1 HD13 sing N N 182 
LEU CD2 HD21 sing N N 183 
LEU CD2 HD22 sing N N 184 
LEU CD2 HD23 sing N N 185 
LEU OXT HXT  sing N N 186 
LYS N   CA   sing N N 187 
LYS N   H    sing N N 188 
LYS N   H2   sing N N 189 
LYS CA  C    sing N N 190 
LYS CA  CB   sing N N 191 
LYS CA  HA   sing N N 192 
LYS C   O    doub N N 193 
LYS C   OXT  sing N N 194 
LYS CB  CG   sing N N 195 
LYS CB  HB2  sing N N 196 
LYS CB  HB3  sing N N 197 
LYS CG  CD   sing N N 198 
LYS CG  HG2  sing N N 199 
LYS CG  HG3  sing N N 200 
LYS CD  CE   sing N N 201 
LYS CD  HD2  sing N N 202 
LYS CD  HD3  sing N N 203 
LYS CE  NZ   sing N N 204 
LYS CE  HE2  sing N N 205 
LYS CE  HE3  sing N N 206 
LYS NZ  HZ1  sing N N 207 
LYS NZ  HZ2  sing N N 208 
LYS NZ  HZ3  sing N N 209 
LYS OXT HXT  sing N N 210 
MET N   CA   sing N N 211 
MET N   H    sing N N 212 
MET N   H2   sing N N 213 
MET CA  C    sing N N 214 
MET CA  CB   sing N N 215 
MET CA  HA   sing N N 216 
MET C   O    doub N N 217 
MET C   OXT  sing N N 218 
MET CB  CG   sing N N 219 
MET CB  HB2  sing N N 220 
MET CB  HB3  sing N N 221 
MET CG  SD   sing N N 222 
MET CG  HG2  sing N N 223 
MET CG  HG3  sing N N 224 
MET SD  CE   sing N N 225 
MET CE  HE1  sing N N 226 
MET CE  HE2  sing N N 227 
MET CE  HE3  sing N N 228 
MET OXT HXT  sing N N 229 
NH2 N   HN1  sing N N 230 
NH2 N   HN2  sing N N 231 
SER N   CA   sing N N 232 
SER N   H    sing N N 233 
SER N   H2   sing N N 234 
SER CA  C    sing N N 235 
SER CA  CB   sing N N 236 
SER CA  HA   sing N N 237 
SER C   O    doub N N 238 
SER C   OXT  sing N N 239 
SER CB  OG   sing N N 240 
SER CB  HB2  sing N N 241 
SER CB  HB3  sing N N 242 
SER OG  HG   sing N N 243 
SER OXT HXT  sing N N 244 
THR N   CA   sing N N 245 
THR N   H    sing N N 246 
THR N   H2   sing N N 247 
THR CA  C    sing N N 248 
THR CA  CB   sing N N 249 
THR CA  HA   sing N N 250 
THR C   O    doub N N 251 
THR C   OXT  sing N N 252 
THR CB  OG1  sing N N 253 
THR CB  CG2  sing N N 254 
THR CB  HB   sing N N 255 
THR OG1 HG1  sing N N 256 
THR CG2 HG21 sing N N 257 
THR CG2 HG22 sing N N 258 
THR CG2 HG23 sing N N 259 
THR OXT HXT  sing N N 260 
TRP N   CA   sing N N 261 
TRP N   H    sing N N 262 
TRP N   H2   sing N N 263 
TRP CA  C    sing N N 264 
TRP CA  CB   sing N N 265 
TRP CA  HA   sing N N 266 
TRP C   O    doub N N 267 
TRP C   OXT  sing N N 268 
TRP CB  CG   sing N N 269 
TRP CB  HB2  sing N N 270 
TRP CB  HB3  sing N N 271 
TRP CG  CD1  doub Y N 272 
TRP CG  CD2  sing Y N 273 
TRP CD1 NE1  sing Y N 274 
TRP CD1 HD1  sing N N 275 
TRP CD2 CE2  doub Y N 276 
TRP CD2 CE3  sing Y N 277 
TRP NE1 CE2  sing Y N 278 
TRP NE1 HE1  sing N N 279 
TRP CE2 CZ2  sing Y N 280 
TRP CE3 CZ3  doub Y N 281 
TRP CE3 HE3  sing N N 282 
TRP CZ2 CH2  doub Y N 283 
TRP CZ2 HZ2  sing N N 284 
TRP CZ3 CH2  sing Y N 285 
TRP CZ3 HZ3  sing N N 286 
TRP CH2 HH2  sing N N 287 
TRP OXT HXT  sing N N 288 
TYR N   CA   sing N N 289 
TYR N   H    sing N N 290 
TYR N   H2   sing N N 291 
TYR CA  C    sing N N 292 
TYR CA  CB   sing N N 293 
TYR CA  HA   sing N N 294 
TYR C   O    doub N N 295 
TYR C   OXT  sing N N 296 
TYR CB  CG   sing N N 297 
TYR CB  HB2  sing N N 298 
TYR CB  HB3  sing N N 299 
TYR CG  CD1  doub Y N 300 
TYR CG  CD2  sing Y N 301 
TYR CD1 CE1  sing Y N 302 
TYR CD1 HD1  sing N N 303 
TYR CD2 CE2  doub Y N 304 
TYR CD2 HD2  sing N N 305 
TYR CE1 CZ   doub Y N 306 
TYR CE1 HE1  sing N N 307 
TYR CE2 CZ   sing Y N 308 
TYR CE2 HE2  sing N N 309 
TYR CZ  OH   sing N N 310 
TYR OH  HH   sing N N 311 
TYR OXT HXT  sing N N 312 
VAL N   CA   sing N N 313 
VAL N   H    sing N N 314 
VAL N   H2   sing N N 315 
VAL CA  C    sing N N 316 
VAL CA  CB   sing N N 317 
VAL CA  HA   sing N N 318 
VAL C   O    doub N N 319 
VAL C   OXT  sing N N 320 
VAL CB  CG1  sing N N 321 
VAL CB  CG2  sing N N 322 
VAL CB  HB   sing N N 323 
VAL CG1 HG11 sing N N 324 
VAL CG1 HG12 sing N N 325 
VAL CG1 HG13 sing N N 326 
VAL CG2 HG21 sing N N 327 
VAL CG2 HG22 sing N N 328 
VAL CG2 HG23 sing N N 329 
VAL OXT HXT  sing N N 330 
# 
_pdbx_initial_refinement_model.id               1 
_pdbx_initial_refinement_model.entity_id_list   ? 
_pdbx_initial_refinement_model.type             'experimental model' 
_pdbx_initial_refinement_model.source_name      PDB 
_pdbx_initial_refinement_model.accession_code   2SIV 
_pdbx_initial_refinement_model.details          'PDB ENTRY 2SIV' 
# 
_atom_sites.entry_id                    1JEK 
_atom_sites.fract_transf_matrix[1][1]   -0.00728116 
_atom_sites.fract_transf_matrix[1][2]   0.02057726 
_atom_sites.fract_transf_matrix[1][3]   -0.00253301 
_atom_sites.fract_transf_matrix[2][1]   -0.01936280 
_atom_sites.fract_transf_matrix[2][2]   0.00593134 
_atom_sites.fract_transf_matrix[2][3]   0.00852982 
_atom_sites.fract_transf_matrix[3][1]   0.00738683 
_atom_sites.fract_transf_matrix[3][2]   0.00430907 
_atom_sites.fract_transf_matrix[3][3]   0.01377182 
_atom_sites.fract_transf_vector[1]      0.268999 
_atom_sites.fract_transf_vector[2]      0.518796 
_atom_sites.fract_transf_vector[3]      0.238950 
# 
loop_
_atom_type.symbol 
C 
N 
O 
S 
# 
loop_
_atom_site.group_PDB 
_atom_site.id 
_atom_site.type_symbol 
_atom_site.label_atom_id 
_atom_site.label_alt_id 
_atom_site.label_comp_id 
_atom_site.label_asym_id 
_atom_site.label_entity_id 
_atom_site.label_seq_id 
_atom_site.pdbx_PDB_ins_code 
_atom_site.Cartn_x 
_atom_site.Cartn_y 
_atom_site.Cartn_z 
_atom_site.occupancy 
_atom_site.B_iso_or_equiv 
_atom_site.pdbx_formal_charge 
_atom_site.auth_seq_id 
_atom_site.auth_comp_id 
_atom_site.auth_asym_id 
_atom_site.auth_atom_id 
_atom_site.pdbx_PDB_model_num 
HETATM 1   C C   . ACE A 1 1  ? 10.343  7.553   22.000  1.00 23.60 ? 545 ACE A C   1 
HETATM 2   O O   . ACE A 1 1  ? 9.617   7.548   21.016  1.00 23.29 ? 545 ACE A O   1 
HETATM 3   C CH3 . ACE A 1 1  ? 9.740   7.799   23.356  1.00 25.98 ? 545 ACE A CH3 1 
ATOM   4   N N   . GLN A 1 2  ? 11.649  7.303   21.921  1.00 22.53 ? 546 GLN A N   1 
ATOM   5   C CA  . GLN A 1 2  ? 12.279  7.117   20.630  1.00 22.76 ? 546 GLN A CA  1 
ATOM   6   C C   . GLN A 1 2  ? 11.771  5.940   19.825  1.00 21.92 ? 546 GLN A C   1 
ATOM   7   O O   . GLN A 1 2  ? 11.491  6.073   18.609  1.00 20.75 ? 546 GLN A O   1 
ATOM   8   C CB  . GLN A 1 2  ? 13.802  6.990   20.786  1.00 25.51 ? 546 GLN A CB  1 
ATOM   9   C CG  . GLN A 1 2  ? 14.520  6.948   19.431  1.00 29.39 ? 546 GLN A CG  1 
ATOM   10  C CD  . GLN A 1 2  ? 14.383  8.246   18.660  1.00 35.33 ? 546 GLN A CD  1 
ATOM   11  O OE1 . GLN A 1 2  ? 14.981  9.268   19.020  1.00 39.96 ? 546 GLN A OE1 1 
ATOM   12  N NE2 . GLN A 1 2  ? 13.573  8.219   17.596  1.00 35.32 ? 546 GLN A NE2 1 
ATOM   13  N N   . SER A 1 3  ? 11.645  4.774   20.460  1.00 22.17 ? 547 SER A N   1 
ATOM   14  C CA  . SER A 1 3  ? 11.186  3.625   19.694  1.00 21.07 ? 547 SER A CA  1 
ATOM   15  C C   . SER A 1 3  ? 9.708   3.753   19.245  1.00 20.35 ? 547 SER A C   1 
ATOM   16  O O   . SER A 1 3  ? 9.342   3.279   18.140  1.00 20.27 ? 547 SER A O   1 
ATOM   17  C CB  . SER A 1 3  ? 11.421  2.303   20.436  1.00 27.63 ? 547 SER A CB  1 
ATOM   18  O OG  . SER A 1 3  ? 10.676  2.233   21.624  1.00 27.63 ? 547 SER A OG  1 
ATOM   19  N N   . LEU A 1 4  ? 8.878   4.413   20.053  1.00 19.86 ? 548 LEU A N   1 
ATOM   20  C CA  . LEU A 1 4  ? 7.482   4.565   19.627  1.00 22.84 ? 548 LEU A CA  1 
ATOM   21  C C   . LEU A 1 4  ? 7.438   5.583   18.497  1.00 19.29 ? 548 LEU A C   1 
ATOM   22  O O   . LEU A 1 4  ? 6.666   5.410   17.546  1.00 21.21 ? 548 LEU A O   1 
ATOM   23  C CB  . LEU A 1 4  ? 6.569   4.977   20.799  1.00 25.77 ? 548 LEU A CB  1 
ATOM   24  C CG  . LEU A 1 4  ? 5.076   4.752   20.450  1.00 28.45 ? 548 LEU A CG  1 
ATOM   25  C CD1 . LEU A 1 4  ? 4.840   3.305   20.048  1.00 29.34 ? 548 LEU A CD1 1 
ATOM   26  C CD2 . LEU A 1 4  ? 4.200   5.099   21.655  1.00 29.11 ? 548 LEU A CD2 1 
ATOM   27  N N   . ALA A 1 5  ? 8.268   6.616   18.539  1.00 19.13 ? 549 ALA A N   1 
ATOM   28  C CA  . ALA A 1 5  ? 8.272   7.594   17.420  1.00 18.53 ? 549 ALA A CA  1 
ATOM   29  C C   . ALA A 1 5  ? 8.721   6.879   16.148  1.00 20.26 ? 549 ALA A C   1 
ATOM   30  O O   . ALA A 1 5  ? 8.163   7.123   15.044  1.00 20.54 ? 549 ALA A O   1 
ATOM   31  C CB  . ALA A 1 5  ? 9.214   8.814   17.753  1.00 22.14 ? 549 ALA A CB  1 
ATOM   32  N N   . ASN A 1 6  ? 9.704   5.978   16.272  1.00 19.77 ? 550 ASN A N   1 
ATOM   33  C CA  . ASN A 1 6  ? 10.185  5.225   15.117  1.00 19.80 ? 550 ASN A CA  1 
ATOM   34  C C   . ASN A 1 6  ? 9.074   4.366   14.545  1.00 20.73 ? 550 ASN A C   1 
ATOM   35  O O   . ASN A 1 6  ? 8.916   4.270   13.318  1.00 20.80 ? 550 ASN A O   1 
ATOM   36  C CB  . ASN A 1 6  ? 11.319  4.260   15.477  1.00 20.44 ? 550 ASN A CB  1 
ATOM   37  C CG  . ASN A 1 6  ? 12.589  4.962   15.779  1.00 25.54 ? 550 ASN A CG  1 
ATOM   38  O OD1 . ASN A 1 6  ? 12.724  6.143   15.515  1.00 25.83 ? 550 ASN A OD1 1 
ATOM   39  N ND2 . ASN A 1 6  ? 13.556  4.227   16.331  1.00 26.51 ? 550 ASN A ND2 1 
ATOM   40  N N   . ALA A 1 7  ? 8.334   3.705   15.437  1.00 18.15 ? 551 ALA A N   1 
ATOM   41  C CA  . ALA A 1 7  ? 7.238   2.847   14.983  1.00 19.09 ? 551 ALA A CA  1 
ATOM   42  C C   . ALA A 1 7  ? 6.157   3.692   14.295  1.00 18.11 ? 551 ALA A C   1 
ATOM   43  O O   . ALA A 1 7  ? 5.560   3.294   13.272  1.00 18.78 ? 551 ALA A O   1 
ATOM   44  C CB  . ALA A 1 7  ? 6.649   2.066   16.174  1.00 20.90 ? 551 ALA A CB  1 
ATOM   45  N N   . THR A 1 8  ? 5.911   4.876   14.824  1.00 17.40 ? 552 THR A N   1 
ATOM   46  C CA  . THR A 1 8  ? 4.870   5.726   14.230  1.00 17.75 ? 552 THR A CA  1 
ATOM   47  C C   . THR A 1 8  ? 5.293   6.192   12.852  1.00 18.10 ? 552 THR A C   1 
ATOM   48  O O   . THR A 1 8  ? 4.491   6.266   11.936  1.00 19.40 ? 552 THR A O   1 
ATOM   49  C CB  . THR A 1 8  ? 4.606   6.901   15.189  1.00 20.08 ? 552 THR A CB  1 
ATOM   50  O OG1 . THR A 1 8  ? 4.118   6.361   16.428  1.00 20.82 ? 552 THR A OG1 1 
ATOM   51  C CG2 . THR A 1 8  ? 3.553   7.876   14.606  1.00 20.70 ? 552 THR A CG2 1 
ATOM   52  N N   . ALA A 1 9  ? 6.577   6.484   12.704  1.00 19.04 ? 553 ALA A N   1 
ATOM   53  C CA  . ALA A 1 9  ? 7.101   6.910   11.402  1.00 19.29 ? 553 ALA A CA  1 
ATOM   54  C C   . ALA A 1 9  ? 7.019   5.748   10.415  1.00 18.55 ? 553 ALA A C   1 
ATOM   55  O O   . ALA A 1 9  ? 6.722   5.941   9.208   1.00 19.69 ? 553 ALA A O   1 
ATOM   56  C CB  . ALA A 1 9  ? 8.555   7.342   11.554  1.00 19.64 ? 553 ALA A CB  1 
ATOM   57  N N   . ALA A 1 10 ? 7.288   4.536   10.903  1.00 18.65 ? 554 ALA A N   1 
ATOM   58  C CA  . ALA A 1 10 ? 7.211   3.369   10.024  1.00 18.57 ? 554 ALA A CA  1 
ATOM   59  C C   . ALA A 1 10 ? 5.752   3.176   9.557   1.00 18.24 ? 554 ALA A C   1 
ATOM   60  O O   . ALA A 1 10 ? 5.476   2.824   8.398   1.00 19.86 ? 554 ALA A O   1 
ATOM   61  C CB  . ALA A 1 10 ? 7.699   2.131   10.770  1.00 20.40 ? 554 ALA A CB  1 
ATOM   62  N N   . GLN A 1 11 ? 4.820   3.392   10.466  1.00 18.34 ? 555 GLN A N   1 
ATOM   63  C CA  . GLN A 1 11 ? 3.413   3.281   10.090  1.00 18.50 ? 555 GLN A CA  1 
ATOM   64  C C   . GLN A 1 11 ? 3.064   4.375   9.092   1.00 18.74 ? 555 GLN A C   1 
ATOM   65  O O   . GLN A 1 11 ? 2.235   4.146   8.206   1.00 18.77 ? 555 GLN A O   1 
ATOM   66  C CB  . GLN A 1 11 ? 2.511   3.359   11.330  1.00 18.73 ? 555 GLN A CB  1 
ATOM   67  C CG  . GLN A 1 11 ? 2.646   2.104   12.213  1.00 20.61 ? 555 GLN A CG  1 
ATOM   68  C CD  . GLN A 1 11 ? 1.664   2.086   13.347  1.00 17.65 ? 555 GLN A CD  1 
ATOM   69  O OE1 . GLN A 1 11 ? 1.330   3.150   13.883  1.00 18.36 ? 555 GLN A OE1 1 
ATOM   70  N NE2 . GLN A 1 11 ? 1.225   0.906   13.760  1.00 17.95 ? 555 GLN A NE2 1 
ATOM   71  N N   . GLN A 1 12 ? 3.662   5.559   9.226   1.00 18.39 ? 556 GLN A N   1 
ATOM   72  C CA  . GLN A 1 12 ? 3.374   6.646   8.289   1.00 19.30 ? 556 GLN A CA  1 
ATOM   73  C C   . GLN A 1 12 ? 3.793   6.197   6.888   1.00 21.45 ? 556 GLN A C   1 
ATOM   74  O O   . GLN A 1 12 ? 3.073   6.487   5.928   1.00 20.20 ? 556 GLN A O   1 
ATOM   75  C CB  . GLN A 1 12 ? 4.109   7.930   8.674   1.00 17.23 ? 556 GLN A CB  1 
ATOM   76  C CG  . GLN A 1 12 ? 3.733   9.122   7.788   1.00 20.37 ? 556 GLN A CG  1 
ATOM   77  C CD  . GLN A 1 12 ? 2.276   9.544   7.918   1.00 21.15 ? 556 GLN A CD  1 
ATOM   78  O OE1 . GLN A 1 12 ? 1.653   9.351   8.958   1.00 18.74 ? 556 GLN A OE1 1 
ATOM   79  N NE2 . GLN A 1 12 ? 1.734   10.182  6.851   1.00 20.36 ? 556 GLN A NE2 1 
ATOM   80  N N   . GLU A 1 13 ? 4.921   5.482   6.758   1.00 20.22 ? 557 GLU A N   1 
ATOM   81  C CA  . GLU A 1 13 ? 5.325   5.042   5.417   1.00 23.06 ? 557 GLU A CA  1 
ATOM   82  C C   . GLU A 1 13 ? 4.272   4.072   4.868   1.00 21.83 ? 557 GLU A C   1 
ATOM   83  O O   . GLU A 1 13 ? 3.966   4.089   3.661   1.00 22.05 ? 557 GLU A O   1 
ATOM   84  C CB  . GLU A 1 13 ? 6.676   4.332   5.421   1.00 26.17 ? 557 GLU A CB  1 
ATOM   85  C CG  . GLU A 1 13 ? 7.850   5.208   5.750   1.00 29.62 ? 557 GLU A CG  1 
ATOM   86  C CD  . GLU A 1 13 ? 9.141   4.425   5.669   1.00 41.10 ? 557 GLU A CD  1 
ATOM   87  O OE1 . GLU A 1 13 ? 9.452   3.885   4.574   1.00 47.16 ? 557 GLU A OE1 1 
ATOM   88  O OE2 . GLU A 1 13 ? 9.841   4.342   6.690   1.00 43.09 ? 557 GLU A OE2 1 
ATOM   89  N N   . VAL A 1 14 ? 3.713   3.219   5.730   1.00 18.41 ? 558 VAL A N   1 
ATOM   90  C CA  . VAL A 1 14 ? 2.655   2.289   5.277   1.00 20.02 ? 558 VAL A CA  1 
ATOM   91  C C   . VAL A 1 14 ? 1.425   3.099   4.807   1.00 17.88 ? 558 VAL A C   1 
ATOM   92  O O   . VAL A 1 14 ? 0.826   2.786   3.794   1.00 20.67 ? 558 VAL A O   1 
ATOM   93  C CB  . VAL A 1 14 ? 2.203   1.348   6.418   1.00 19.71 ? 558 VAL A CB  1 
ATOM   94  C CG1 . VAL A 1 14 ? 1.027   0.461   5.963   1.00 18.96 ? 558 VAL A CG1 1 
ATOM   95  C CG2 . VAL A 1 14 ? 3.366   0.473   6.829   1.00 20.41 ? 558 VAL A CG2 1 
ATOM   96  N N   . LEU A 1 15 ? 1.038   4.111   5.578   1.00 20.27 ? 559 LEU A N   1 
ATOM   97  C CA  . LEU A 1 15 ? -0.111  4.929   5.164   1.00 18.84 ? 559 LEU A CA  1 
ATOM   98  C C   . LEU A 1 15 ? 0.113   5.582   3.806   1.00 20.23 ? 559 LEU A C   1 
ATOM   99  O O   . LEU A 1 15 ? -0.816  5.589   2.981   1.00 22.27 ? 559 LEU A O   1 
ATOM   100 C CB  . LEU A 1 15 ? -0.395  6.041   6.195   1.00 19.47 ? 559 LEU A CB  1 
ATOM   101 C CG  . LEU A 1 15 ? -0.871  5.554   7.568   1.00 21.98 ? 559 LEU A CG  1 
ATOM   102 C CD1 . LEU A 1 15 ? -0.936  6.734   8.551   1.00 19.94 ? 559 LEU A CD1 1 
ATOM   103 C CD2 . LEU A 1 15 ? -2.247  4.921   7.441   1.00 23.10 ? 559 LEU A CD2 1 
ATOM   104 N N   . GLU A 1 16 ? 1.312   6.104   3.555   1.00 21.74 ? 560 GLU A N   1 
ATOM   105 C CA  . GLU A 1 16 ? 1.580   6.784   2.273   1.00 24.56 ? 560 GLU A CA  1 
ATOM   106 C C   . GLU A 1 16 ? 1.508   5.750   1.142   1.00 24.76 ? 560 GLU A C   1 
ATOM   107 O O   . GLU A 1 16 ? 0.902   5.978   0.079   1.00 23.83 ? 560 GLU A O   1 
ATOM   108 C CB  . GLU A 1 16 ? 2.976   7.397   2.244   1.00 26.04 ? 560 GLU A CB  1 
ATOM   109 C CG  . GLU A 1 16 ? 3.405   8.335   3.401   1.00 31.19 ? 560 GLU A CG  1 
ATOM   110 C CD  . GLU A 1 16 ? 2.840   9.753   3.341   1.00 31.69 ? 560 GLU A CD  1 
ATOM   111 O OE1 . GLU A 1 16 ? 2.050   10.059  2.408   1.00 32.88 ? 560 GLU A OE1 1 
ATOM   112 O OE2 . GLU A 1 16 ? 3.190   10.562  4.251   1.00 27.07 ? 560 GLU A OE2 1 
ATOM   113 N N   . ALA A 1 17 ? 2.118   4.596   1.363   1.00 21.37 ? 561 ALA A N   1 
ATOM   114 C CA  . ALA A 1 17 ? 2.140   3.544   0.314   1.00 22.70 ? 561 ALA A CA  1 
ATOM   115 C C   . ALA A 1 17 ? 0.760   2.926   0.078   1.00 23.58 ? 561 ALA A C   1 
ATOM   116 O O   . ALA A 1 17 ? 0.429   2.586   -1.052  1.00 24.40 ? 561 ALA A O   1 
ATOM   117 C CB  . ALA A 1 17 ? 3.141   2.466   0.686   1.00 23.94 ? 561 ALA A CB  1 
ATOM   118 N N   . SER A 1 18 ? -0.040  2.774   1.127   1.00 22.54 ? 562 SER A N   1 
ATOM   119 C CA  . SER A 1 18 ? -1.365  2.209   0.971   1.00 24.17 ? 562 SER A CA  1 
ATOM   120 C C   . SER A 1 18 ? -2.199  3.183   0.122   1.00 23.63 ? 562 SER A C   1 
ATOM   121 O O   . SER A 1 18 ? -2.951  2.795   -0.775  1.00 23.66 ? 562 SER A O   1 
ATOM   122 C CB  . SER A 1 18 ? -1.999  2.020   2.359   1.00 25.13 ? 562 SER A CB  1 
ATOM   123 O OG  . SER A 1 18 ? -3.352  1.635   2.230   1.00 28.76 ? 562 SER A OG  1 
ATOM   124 N N   . TYR A 1 19 ? -2.049  4.469   0.399   1.00 23.31 ? 563 TYR A N   1 
ATOM   125 C CA  . TYR A 1 19 ? -2.802  5.463   -0.379  1.00 25.23 ? 563 TYR A CA  1 
ATOM   126 C C   . TYR A 1 19 ? -2.403  5.390   -1.861  1.00 25.47 ? 563 TYR A C   1 
ATOM   127 O O   . TYR A 1 19 ? -3.265  5.423   -2.742  1.00 25.71 ? 563 TYR A O   1 
ATOM   128 C CB  . TYR A 1 19 ? -2.534  6.852   0.159   1.00 28.15 ? 563 TYR A CB  1 
ATOM   129 C CG  . TYR A 1 19 ? -3.201  7.959   -0.642  1.00 32.52 ? 563 TYR A CG  1 
ATOM   130 C CD1 . TYR A 1 19 ? -4.574  8.072   -0.688  1.00 34.30 ? 563 TYR A CD1 1 
ATOM   131 C CD2 . TYR A 1 19 ? -2.436  8.888   -1.315  1.00 35.16 ? 563 TYR A CD2 1 
ATOM   132 C CE1 . TYR A 1 19 ? -5.191  9.110   -1.391  1.00 40.03 ? 563 TYR A CE1 1 
ATOM   133 C CE2 . TYR A 1 19 ? -3.037  9.939   -2.029  1.00 41.57 ? 563 TYR A CE2 1 
ATOM   134 C CZ  . TYR A 1 19 ? -4.407  10.038  -2.055  1.00 38.53 ? 563 TYR A CZ  1 
ATOM   135 O OH  . TYR A 1 19 ? -5.017  11.075  -2.751  1.00 43.39 ? 563 TYR A OH  1 
ATOM   136 N N   . ALA A 1 20 ? -1.108  5.276   -2.138  1.00 23.91 ? 564 ALA A N   1 
ATOM   137 C CA  . ALA A 1 20 ? -0.672  5.195   -3.523  1.00 24.89 ? 564 ALA A CA  1 
ATOM   138 C C   . ALA A 1 20 ? -1.229  3.930   -4.190  1.00 23.29 ? 564 ALA A C   1 
ATOM   139 O O   . ALA A 1 20 ? -1.590  3.951   -5.377  1.00 25.11 ? 564 ALA A O   1 
ATOM   140 C CB  . ALA A 1 20 ? 0.848   5.217   -3.618  1.00 25.33 ? 564 ALA A CB  1 
ATOM   141 N N   . MET A 1 21 ? -1.303  2.817   -3.456  1.00 21.20 ? 565 MET A N   1 
ATOM   142 C CA  . MET A 1 21 ? -1.854  1.589   -4.029  1.00 21.61 ? 565 MET A CA  1 
ATOM   143 C C   . MET A 1 21 ? -3.374  1.726   -4.284  1.00 22.87 ? 565 MET A C   1 
ATOM   144 O O   . MET A 1 21 ? -3.885  1.252   -5.294  1.00 24.79 ? 565 MET A O   1 
ATOM   145 C CB  . MET A 1 21 ? -1.598  0.392   -3.121  1.00 23.21 ? 565 MET A CB  1 
ATOM   146 C CG  . MET A 1 21 ? -2.159  -0.913  -3.683  1.00 25.86 ? 565 MET A CG  1 
ATOM   147 S SD  . MET A 1 21 ? -1.541  -2.269  -2.673  1.00 26.70 ? 565 MET A SD  1 
ATOM   148 C CE  . MET A 1 21 ? -2.323  -3.659  -3.519  1.00 29.86 ? 565 MET A CE  1 
ATOM   149 N N   . VAL A 1 22 ? -4.085  2.368   -3.358  1.00 23.03 ? 566 VAL A N   1 
ATOM   150 C CA  . VAL A 1 22 ? -5.521  2.560   -3.502  1.00 21.98 ? 566 VAL A CA  1 
ATOM   151 C C   . VAL A 1 22 ? -5.783  3.430   -4.696  1.00 24.56 ? 566 VAL A C   1 
ATOM   152 O O   . VAL A 1 22 ? -6.729  3.160   -5.466  1.00 24.11 ? 566 VAL A O   1 
ATOM   153 C CB  . VAL A 1 22 ? -6.101  3.160   -2.230  1.00 26.09 ? 566 VAL A CB  1 
ATOM   154 C CG1 . VAL A 1 22 ? -7.571  3.588   -2.446  1.00 27.60 ? 566 VAL A CG1 1 
ATOM   155 C CG2 . VAL A 1 22 ? -6.048  2.069   -1.149  1.00 24.55 ? 566 VAL A CG2 1 
ATOM   156 N N   . GLN A 1 23 ? -4.955  4.459   -4.882  1.00 24.33 ? 567 GLN A N   1 
ATOM   157 C CA  . GLN A 1 23 ? -5.115  5.297   -6.068  1.00 26.48 ? 567 GLN A CA  1 
ATOM   158 C C   . GLN A 1 23 ? -4.927  4.439   -7.326  1.00 24.51 ? 567 GLN A C   1 
ATOM   159 O O   . GLN A 1 23 ? -5.653  4.632   -8.331  1.00 27.53 ? 567 GLN A O   1 
ATOM   160 C CB  . GLN A 1 23 ? -4.087  6.424   -6.115  1.00 27.67 ? 567 GLN A CB  1 
ATOM   161 C CG  . GLN A 1 23 ? -4.348  7.571   -5.177  1.00 33.93 ? 567 GLN A CG  1 
ATOM   162 C CD  . GLN A 1 23 ? -3.240  8.603   -5.218  1.00 36.89 ? 567 GLN A CD  1 
ATOM   163 O OE1 . GLN A 1 23 ? -3.485  9.792   -5.463  1.00 40.06 ? 567 GLN A OE1 1 
ATOM   164 N NE2 . GLN A 1 23 ? -2.012  8.161   -4.974  1.00 38.49 ? 567 GLN A NE2 1 
ATOM   165 N N   . HIS A 1 24 ? -3.979  3.505   -7.297  1.00 22.60 ? 568 HIS A N   1 
ATOM   166 C CA  . HIS A 1 24 ? -3.724  2.678   -8.489  1.00 23.58 ? 568 HIS A CA  1 
ATOM   167 C C   . HIS A 1 24 ? -4.923  1.789   -8.756  1.00 23.86 ? 568 HIS A C   1 
ATOM   168 O O   . HIS A 1 24 ? -5.295  1.538   -9.921  1.00 25.42 ? 568 HIS A O   1 
ATOM   169 C CB  . HIS A 1 24 ? -2.444  1.833   -8.321  1.00 25.85 ? 568 HIS A CB  1 
ATOM   170 C CG  . HIS A 1 24 ? -2.084  1.018   -9.531  1.00 24.82 ? 568 HIS A CG  1 
ATOM   171 N ND1 . HIS A 1 24 ? -1.710  1.588   -10.737 1.00 26.33 ? 568 HIS A ND1 1 
ATOM   172 C CD2 . HIS A 1 24 ? -2.010  -0.319  -9.711  1.00 25.67 ? 568 HIS A CD2 1 
ATOM   173 C CE1 . HIS A 1 24 ? -1.423  0.632   -11.601 1.00 27.67 ? 568 HIS A CE1 1 
ATOM   174 N NE2 . HIS A 1 24 ? -1.596  -0.537  -11.007 1.00 26.40 ? 568 HIS A NE2 1 
ATOM   175 N N   . ILE A 1 25 ? -5.532  1.313   -7.682  1.00 22.03 ? 569 ILE A N   1 
ATOM   176 C CA  . ILE A 1 25 ? -6.694  0.460   -7.799  1.00 25.85 ? 569 ILE A CA  1 
ATOM   177 C C   . ILE A 1 25 ? -7.825  1.257   -8.422  1.00 26.30 ? 569 ILE A C   1 
ATOM   178 O O   . ILE A 1 25 ? -8.530  0.730   -9.298  1.00 26.69 ? 569 ILE A O   1 
ATOM   179 C CB  . ILE A 1 25 ? -7.078  -0.103  -6.423  1.00 26.07 ? 569 ILE A CB  1 
ATOM   180 C CG1 . ILE A 1 25 ? -6.089  -1.224  -6.077  1.00 29.36 ? 569 ILE A CG1 1 
ATOM   181 C CG2 . ILE A 1 25 ? -8.525  -0.574  -6.424  1.00 31.12 ? 569 ILE A CG2 1 
ATOM   182 C CD1 . ILE A 1 25 ? -6.304  -1.889  -4.751  1.00 30.85 ? 569 ILE A CD1 1 
ATOM   183 N N   . ALA A 1 26 ? -7.970  2.527   -8.018  1.00 25.03 ? 570 ALA A N   1 
ATOM   184 C CA  . ALA A 1 26 ? -9.053  3.366   -8.566  1.00 25.09 ? 570 ALA A CA  1 
ATOM   185 C C   . ALA A 1 26 ? -8.822  3.556   -10.047 1.00 26.58 ? 570 ALA A C   1 
ATOM   186 O O   . ALA A 1 26 ? -9.773  3.544   -10.845 1.00 26.91 ? 570 ALA A O   1 
ATOM   187 C CB  . ALA A 1 26 ? -9.092  4.716   -7.866  1.00 25.87 ? 570 ALA A CB  1 
ATOM   188 N N   . LYS A 1 27 ? -7.568  3.734   -10.420 1.00 26.09 ? 571 LYS A N   1 
ATOM   189 C CA  . LYS A 1 27 ? -7.207  3.907   -11.821 1.00 27.22 ? 571 LYS A CA  1 
ATOM   190 C C   . LYS A 1 27 ? -7.616  2.665   -12.623 1.00 26.86 ? 571 LYS A C   1 
ATOM   191 O O   . LYS A 1 27 ? -8.109  2.779   -13.762 1.00 28.20 ? 571 LYS A O   1 
ATOM   192 C CB  . LYS A 1 27 ? -5.690  4.130   -11.959 1.00 30.61 ? 571 LYS A CB  1 
ATOM   193 C CG  . LYS A 1 27 ? -5.217  4.182   -13.415 1.00 31.86 ? 571 LYS A CG  1 
ATOM   194 C CD  . LYS A 1 27 ? -3.713  4.395   -13.550 1.00 34.46 ? 571 LYS A CD  1 
ATOM   195 C CE  . LYS A 1 27 ? -3.354  4.475   -15.040 1.00 37.65 ? 571 LYS A CE  1 
ATOM   196 N NZ  . LYS A 1 27 ? -1.892  4.589   -15.309 1.00 42.77 ? 571 LYS A NZ  1 
ATOM   197 N N   . GLY A 1 28 ? -7.419  1.484   -12.042 1.00 25.51 ? 572 GLY A N   1 
ATOM   198 C CA  . GLY A 1 28 ? -7.767  0.246   -12.719 1.00 26.71 ? 572 GLY A CA  1 
ATOM   199 C C   . GLY A 1 28 ? -9.269  0.124   -12.964 1.00 25.45 ? 572 GLY A C   1 
ATOM   200 O O   . GLY A 1 28 ? -9.719  -0.337  -14.021 1.00 23.92 ? 572 GLY A O   1 
ATOM   201 N N   . ILE A 1 29 ? -10.050 0.532   -11.975 1.00 26.23 ? 573 ILE A N   1 
ATOM   202 C CA  . ILE A 1 29 ? -11.501 0.475   -12.100 1.00 25.29 ? 573 ILE A CA  1 
ATOM   203 C C   . ILE A 1 29 ? -11.924 1.433   -13.204 1.00 27.89 ? 573 ILE A C   1 
ATOM   204 O O   . ILE A 1 29 ? -12.835 1.150   -13.965 1.00 26.27 ? 573 ILE A O   1 
ATOM   205 C CB  . ILE A 1 29 ? -12.171 0.877   -10.774 1.00 29.21 ? 573 ILE A CB  1 
ATOM   206 C CG1 . ILE A 1 29 ? -11.829 -0.161  -9.701  1.00 33.10 ? 573 ILE A CG1 1 
ATOM   207 C CG2 . ILE A 1 29 ? -13.683 1.011   -11.002 1.00 31.55 ? 573 ILE A CG2 1 
ATOM   208 C CD1 . ILE A 1 29 ? -12.124 0.284   -8.269  1.00 32.85 ? 573 ILE A CD1 1 
ATOM   209 N N   . ARG A 1 30 ? -11.261 2.572   -13.304 1.00 26.18 ? 574 ARG A N   1 
ATOM   210 C CA  . ARG A 1 30 ? -11.624 3.570   -14.310 1.00 28.62 ? 574 ARG A CA  1 
ATOM   211 C C   . ARG A 1 30 ? -11.256 3.068   -15.714 1.00 28.02 ? 574 ARG A C   1 
ATOM   212 O O   . ARG A 1 30 ? -12.013 3.273   -16.683 1.00 29.19 ? 574 ARG A O   1 
ATOM   213 C CB  . ARG A 1 30 ? -10.913 4.877   -13.953 1.00 30.13 ? 574 ARG A CB  1 
ATOM   214 C CG  . ARG A 1 30 ? -11.445 6.144   -14.522 1.00 39.34 ? 574 ARG A CG  1 
ATOM   215 C CD  . ARG A 1 30 ? -10.764 7.327   -13.814 1.00 41.29 ? 574 ARG A CD  1 
ATOM   216 N NE  . ARG A 1 30 ? -11.085 7.387   -12.385 1.00 42.86 ? 574 ARG A NE  1 
ATOM   217 C CZ  . ARG A 1 30 ? -10.204 7.245   -11.391 1.00 44.02 ? 574 ARG A CZ  1 
ATOM   218 N NH1 . ARG A 1 30 ? -8.915  7.027   -11.638 1.00 42.81 ? 574 ARG A NH1 1 
ATOM   219 N NH2 . ARG A 1 30 ? -10.615 7.345   -10.133 1.00 46.09 ? 574 ARG A NH2 1 
ATOM   220 N N   . ILE A 1 31 ? -10.111 2.398   -15.828 1.00 27.56 ? 575 ILE A N   1 
ATOM   221 C CA  . ILE A 1 31 ? -9.669  1.835   -17.107 1.00 27.56 ? 575 ILE A CA  1 
ATOM   222 C C   . ILE A 1 31 ? -10.700 0.788   -17.523 1.00 27.22 ? 575 ILE A C   1 
ATOM   223 O O   . ILE A 1 31 ? -11.141 0.739   -18.685 1.00 26.47 ? 575 ILE A O   1 
ATOM   224 C CB  . ILE A 1 31 ? -8.256  1.163   -16.953 1.00 27.39 ? 575 ILE A CB  1 
ATOM   225 C CG1 . ILE A 1 31 ? -7.193  2.257   -16.861 1.00 31.52 ? 575 ILE A CG1 1 
ATOM   226 C CG2 . ILE A 1 31 ? -7.974  0.178   -18.118 1.00 28.50 ? 575 ILE A CG2 1 
ATOM   227 C CD1 . ILE A 1 31 ? -5.842  1.758   -16.432 1.00 30.51 ? 575 ILE A CD1 1 
ATOM   228 N N   . LEU A 1 32 ? -11.119 -0.027  -16.564 1.00 24.88 ? 576 LEU A N   1 
ATOM   229 C CA  . LEU A 1 32 ? -12.062 -1.080  -16.896 1.00 24.51 ? 576 LEU A CA  1 
ATOM   230 C C   . LEU A 1 32 ? -13.454 -0.518  -17.200 1.00 23.16 ? 576 LEU A C   1 
ATOM   231 O O   . LEU A 1 32 ? -14.148 -1.034  -18.086 1.00 24.25 ? 576 LEU A O   1 
ATOM   232 C CB  . LEU A 1 32 ? -12.113 -2.119  -15.767 1.00 26.54 ? 576 LEU A CB  1 
ATOM   233 C CG  . LEU A 1 32 ? -12.880 -3.380  -16.103 1.00 27.78 ? 576 LEU A CG  1 
ATOM   234 C CD1 . LEU A 1 32 ? -12.156 -4.173  -17.222 1.00 32.14 ? 576 LEU A CD1 1 
ATOM   235 C CD2 . LEU A 1 32 ? -12.975 -4.224  -14.849 1.00 32.08 ? 576 LEU A CD2 1 
ATOM   236 N N   . GLU A 1 33 ? -13.877 0.527   -16.496 1.00 23.49 ? 577 GLU A N   1 
ATOM   237 C CA  . GLU A 1 33 ? -15.205 1.089   -16.791 1.00 23.75 ? 577 GLU A CA  1 
ATOM   238 C C   . GLU A 1 33 ? -15.281 1.621   -18.196 1.00 24.07 ? 577 GLU A C   1 
ATOM   239 O O   . GLU A 1 33 ? -16.318 1.509   -18.843 1.00 23.80 ? 577 GLU A O   1 
ATOM   240 C CB  . GLU A 1 33 ? -15.575 2.215   -15.807 1.00 23.45 ? 577 GLU A CB  1 
ATOM   241 C CG  . GLU A 1 33 ? -17.051 2.695   -15.893 1.00 24.21 ? 577 GLU A CG  1 
ATOM   242 C CD  . GLU A 1 33 ? -17.338 3.703   -16.994 1.00 26.57 ? 577 GLU A CD  1 
ATOM   243 O OE1 . GLU A 1 33 ? -18.559 3.870   -17.319 1.00 26.04 ? 577 GLU A OE1 1 
ATOM   244 O OE2 . GLU A 1 33 ? -16.390 4.347   -17.506 1.00 24.53 ? 577 GLU A OE2 1 
ATOM   245 N N   . ALA A 1 34 ? -14.190 2.179   -18.691 1.00 23.66 ? 578 ALA A N   1 
ATOM   246 C CA  . ALA A 1 34 ? -14.197 2.692   -20.066 1.00 24.95 ? 578 ALA A CA  1 
ATOM   247 C C   . ALA A 1 34 ? -14.359 1.530   -21.038 1.00 25.59 ? 578 ALA A C   1 
ATOM   248 O O   . ALA A 1 34 ? -15.003 1.656   -22.090 1.00 25.75 ? 578 ALA A O   1 
ATOM   249 C CB  . ALA A 1 34 ? -12.877 3.442   -20.352 1.00 26.57 ? 578 ALA A CB  1 
ATOM   250 N N   . ARG A 1 35 ? -13.766 0.392   -20.714 1.00 23.63 ? 579 ARG A N   1 
ATOM   251 C CA  . ARG A 1 35 ? -13.871 -0.776  -21.588 1.00 23.67 ? 579 ARG A CA  1 
ATOM   252 C C   . ARG A 1 35 ? -15.298 -1.297  -21.526 1.00 23.45 ? 579 ARG A C   1 
ATOM   253 O O   . ARG A 1 35 ? -15.870 -1.677  -22.543 1.00 23.12 ? 579 ARG A O   1 
ATOM   254 C CB  . ARG A 1 35 ? -12.855 -1.848  -21.177 1.00 22.94 ? 579 ARG A CB  1 
ATOM   255 C CG  . ARG A 1 35 ? -11.411 -1.521  -21.636 1.00 24.05 ? 579 ARG A CG  1 
ATOM   256 C CD  . ARG A 1 35 ? -10.356 -2.424  -20.998 1.00 25.77 ? 579 ARG A CD  1 
ATOM   257 N NE  . ARG A 1 35 ? -10.598 -3.844  -21.244 1.00 25.70 ? 579 ARG A NE  1 
ATOM   258 C CZ  . ARG A 1 35 ? -9.945  -4.832  -20.642 1.00 24.66 ? 579 ARG A CZ  1 
ATOM   259 N NH1 . ARG A 1 35 ? -8.995  -4.562  -19.746 1.00 24.84 ? 579 ARG A NH1 1 
ATOM   260 N NH2 . ARG A 1 35 ? -10.243 -6.087  -20.892 1.00 25.44 ? 579 ARG A NH2 1 
ATOM   261 N N   . VAL A 1 36 ? -15.908 -1.267  -20.344 1.00 23.07 ? 580 VAL A N   1 
ATOM   262 C CA  . VAL A 1 36 ? -17.283 -1.747  -20.217 1.00 23.70 ? 580 VAL A CA  1 
ATOM   263 C C   . VAL A 1 36 ? -18.205 -0.820  -21.015 1.00 24.38 ? 580 VAL A C   1 
ATOM   264 O O   . VAL A 1 36 ? -19.106 -1.291  -21.702 1.00 23.11 ? 580 VAL A O   1 
ATOM   265 C CB  . VAL A 1 36 ? -17.713 -1.791  -18.741 1.00 24.79 ? 580 VAL A CB  1 
ATOM   266 C CG1 . VAL A 1 36 ? -19.214 -2.096  -18.616 1.00 23.71 ? 580 VAL A CG1 1 
ATOM   267 C CG2 . VAL A 1 36 ? -16.874 -2.854  -18.014 1.00 27.04 ? 580 VAL A CG2 1 
ATOM   268 N N   . ALA A 1 37 ? -17.957 0.486   -20.964 1.00 24.23 ? 581 ALA A N   1 
ATOM   269 C CA  . ALA A 1 37 ? -18.834 1.423   -21.697 1.00 25.22 ? 581 ALA A CA  1 
ATOM   270 C C   . ALA A 1 37 ? -18.741 1.140   -23.201 1.00 25.52 ? 581 ALA A C   1 
ATOM   271 O O   . ALA A 1 37 ? -19.718 1.256   -23.933 1.00 24.54 ? 581 ALA A O   1 
ATOM   272 C CB  . ALA A 1 37 ? -18.439 2.874   -21.415 1.00 25.43 ? 581 ALA A CB  1 
ATOM   273 N N   . ARG A 1 38 ? -17.562 0.763   -23.679 1.00 25.50 ? 582 ARG A N   1 
ATOM   274 C CA  . ARG A 1 38 ? -17.404 0.462   -25.108 1.00 26.77 ? 582 ARG A CA  1 
ATOM   275 C C   . ARG A 1 38 ? -18.201 -0.790  -25.481 1.00 25.63 ? 582 ARG A C   1 
ATOM   276 O O   . ARG A 1 38 ? -18.843 -0.872  -26.545 1.00 26.07 ? 582 ARG A O   1 
ATOM   277 C CB  . ARG A 1 38 ? -15.936 0.235   -25.448 1.00 30.04 ? 582 ARG A CB  1 
ATOM   278 C CG  . ARG A 1 38 ? -15.145 1.507   -25.758 1.00 36.48 ? 582 ARG A CG  1 
ATOM   279 C CD  . ARG A 1 38 ? -13.671 1.161   -25.942 1.00 42.65 ? 582 ARG A CD  1 
ATOM   280 N NE  . ARG A 1 38 ? -13.494 -0.034  -26.766 1.00 50.40 ? 582 ARG A NE  1 
ATOM   281 C CZ  . ARG A 1 38 ? -13.905 -0.146  -28.027 1.00 52.41 ? 582 ARG A CZ  1 
ATOM   282 N NH1 . ARG A 1 38 ? -14.515 0.877   -28.616 1.00 54.36 ? 582 ARG A NH1 1 
ATOM   283 N NH2 . ARG A 1 38 ? -13.735 -1.287  -28.689 1.00 52.60 ? 582 ARG A NH2 1 
ATOM   284 N N   . VAL A 1 39 ? -18.169 -1.795  -24.626 1.00 24.96 ? 583 VAL A N   1 
ATOM   285 C CA  . VAL A 1 39 ? -18.904 -3.031  -24.940 1.00 26.30 ? 583 VAL A CA  1 
ATOM   286 C C   . VAL A 1 39 ? -20.408 -2.757  -24.869 1.00 24.64 ? 583 VAL A C   1 
ATOM   287 O O   . VAL A 1 39 ? -21.198 -3.333  -25.620 1.00 25.26 ? 583 VAL A O   1 
ATOM   288 C CB  . VAL A 1 39 ? -18.540 -4.154  -23.932 1.00 27.38 ? 583 VAL A CB  1 
ATOM   289 C CG1 . VAL A 1 39 ? -19.377 -5.395  -24.177 1.00 33.23 ? 583 VAL A CG1 1 
ATOM   290 C CG2 . VAL A 1 39 ? -17.063 -4.505  -24.062 1.00 31.56 ? 583 VAL A CG2 1 
ATOM   291 N N   . GLU A 1 40 ? -20.823 -1.886  -23.957 1.00 24.46 ? 584 GLU A N   1 
ATOM   292 C CA  . GLU A 1 40 ? -22.243 -1.564  -23.852 1.00 21.76 ? 584 GLU A CA  1 
ATOM   293 C C   . GLU A 1 40 ? -22.706 -0.866  -25.125 1.00 23.21 ? 584 GLU A C   1 
ATOM   294 O O   . GLU A 1 40 ? -23.844 -1.065  -25.565 1.00 22.81 ? 584 GLU A O   1 
ATOM   295 C CB  . GLU A 1 40 ? -22.509 -0.645  -22.636 1.00 23.34 ? 584 GLU A CB  1 
ATOM   296 C CG  . GLU A 1 40 ? -22.224 -1.335  -21.312 1.00 24.20 ? 584 GLU A CG  1 
ATOM   297 C CD  . GLU A 1 40 ? -22.221 -0.401  -20.112 1.00 24.05 ? 584 GLU A CD  1 
ATOM   298 O OE1 . GLU A 1 40 ? -21.674 0.713   -20.249 1.00 26.98 ? 584 GLU A OE1 1 
ATOM   299 O OE2 . GLU A 1 40 ? -22.739 -0.794  -19.045 1.00 25.12 ? 584 GLU A OE2 1 
ATOM   300 N N   . ALA A 1 41 ? -21.835 -0.031  -25.685 1.00 22.93 ? 585 ALA A N   1 
ATOM   301 C CA  . ALA A 1 41 ? -22.155 0.717   -26.890 1.00 24.74 ? 585 ALA A CA  1 
ATOM   302 C C   . ALA A 1 41 ? -22.321 -0.224  -28.071 1.00 23.58 ? 585 ALA A C   1 
ATOM   303 O O   . ALA A 1 41 ? -21.722 -1.322  -28.125 1.00 27.78 ? 585 ALA A O   1 
ATOM   304 C CB  . ALA A 1 41 ? -21.074 1.737   -27.187 1.00 26.01 ? 585 ALA A CB  1 
HETATM 305 N N   . NH2 A 1 42 ? -23.169 0.167   -29.008 1.00 21.30 ? 586 NH2 A N   1 
HETATM 306 C C   . ACE B 2 1  ? -2.996  -1.919  -19.577 1.00 34.77 ? 627 ACE B C   1 
HETATM 307 O O   . ACE B 2 1  ? -2.488  -1.608  -18.490 1.00 34.52 ? 627 ACE B O   1 
HETATM 308 C CH3 . ACE B 2 1  ? -2.777  -1.068  -20.801 1.00 33.04 ? 627 ACE B CH3 1 
ATOM   309 N N   . TRP B 2 2  ? -3.719  -3.018  -19.725 1.00 32.09 ? 628 TRP B N   1 
ATOM   310 C CA  . TRP B 2 2  ? -3.969  -3.830  -18.556 1.00 30.09 ? 628 TRP B CA  1 
ATOM   311 C C   . TRP B 2 2  ? -2.739  -4.552  -18.026 1.00 30.47 ? 628 TRP B C   1 
ATOM   312 O O   . TRP B 2 2  ? -2.555  -4.649  -16.805 1.00 28.26 ? 628 TRP B O   1 
ATOM   313 C CB  . TRP B 2 2  ? -5.132  -4.788  -18.802 1.00 26.61 ? 628 TRP B CB  1 
ATOM   314 C CG  . TRP B 2 2  ? -5.691  -5.226  -17.495 1.00 25.54 ? 628 TRP B CG  1 
ATOM   315 C CD1 . TRP B 2 2  ? -5.455  -6.398  -16.842 1.00 28.63 ? 628 TRP B CD1 1 
ATOM   316 C CD2 . TRP B 2 2  ? -6.511  -4.437  -16.626 1.00 24.29 ? 628 TRP B CD2 1 
ATOM   317 N NE1 . TRP B 2 2  ? -6.080  -6.395  -15.614 1.00 27.11 ? 628 TRP B NE1 1 
ATOM   318 C CE2 . TRP B 2 2  ? -6.737  -5.200  -15.459 1.00 26.93 ? 628 TRP B CE2 1 
ATOM   319 C CE3 . TRP B 2 2  ? -7.075  -3.155  -16.724 1.00 27.03 ? 628 TRP B CE3 1 
ATOM   320 C CZ2 . TRP B 2 2  ? -7.509  -4.727  -14.393 1.00 26.18 ? 628 TRP B CZ2 1 
ATOM   321 C CZ3 . TRP B 2 2  ? -7.849  -2.679  -15.665 1.00 27.82 ? 628 TRP B CZ3 1 
ATOM   322 C CH2 . TRP B 2 2  ? -8.059  -3.473  -14.511 1.00 27.79 ? 628 TRP B CH2 1 
ATOM   323 N N   . GLN B 2 3  ? -1.875  -5.046  -18.906 1.00 28.67 ? 629 GLN B N   1 
ATOM   324 C CA  . GLN B 2 3  ? -0.671  -5.728  -18.436 1.00 32.08 ? 629 GLN B CA  1 
ATOM   325 C C   . GLN B 2 3  ? 0.184   -4.800  -17.573 1.00 32.33 ? 629 GLN B C   1 
ATOM   326 O O   . GLN B 2 3  ? 0.762   -5.230  -16.562 1.00 32.29 ? 629 GLN B O   1 
ATOM   327 C CB  . GLN B 2 3  ? 0.161   -6.228  -19.617 1.00 34.60 ? 629 GLN B CB  1 
ATOM   328 C CG  . GLN B 2 3  ? 1.422   -6.984  -19.184 1.00 39.97 ? 629 GLN B CG  1 
ATOM   329 C CD  . GLN B 2 3  ? 2.237   -7.494  -20.362 1.00 45.47 ? 629 GLN B CD  1 
ATOM   330 O OE1 . GLN B 2 3  ? 1.760   -8.298  -21.163 1.00 47.79 ? 629 GLN B OE1 1 
ATOM   331 N NE2 . GLN B 2 3  ? 3.476   -7.019  -20.475 1.00 47.81 ? 629 GLN B NE2 1 
ATOM   332 N N   . GLN B 2 4  ? 0.246   -3.529  -17.964 1.00 31.99 ? 630 GLN B N   1 
ATOM   333 C CA  . GLN B 2 4  ? 1.041   -2.532  -17.238 1.00 31.83 ? 630 GLN B CA  1 
ATOM   334 C C   . GLN B 2 4  ? 0.376   -2.281  -15.885 1.00 29.30 ? 630 GLN B C   1 
ATOM   335 O O   . GLN B 2 4  ? 1.053   -2.138  -14.865 1.00 27.77 ? 630 GLN B O   1 
ATOM   336 C CB  . GLN B 2 4  ? 1.098   -1.224  -18.035 1.00 35.68 ? 630 GLN B CB  1 
ATOM   337 C CG  . GLN B 2 4  ? 2.055   -0.159  -17.474 1.00 42.76 ? 630 GLN B CG  1 
ATOM   338 C CD  . GLN B 2 4  ? 3.487   -0.668  -17.271 1.00 46.01 ? 630 GLN B CD  1 
ATOM   339 O OE1 . GLN B 2 4  ? 3.997   -1.460  -18.060 1.00 49.25 ? 630 GLN B OE1 1 
ATOM   340 N NE2 . GLN B 2 4  ? 4.147   -0.190  -16.215 1.00 49.86 ? 630 GLN B NE2 1 
ATOM   341 N N   . TRP B 2 5  ? -0.956  -2.251  -15.879 1.00 27.39 ? 631 TRP B N   1 
ATOM   342 C CA  . TRP B 2 5  ? -1.667  -2.030  -14.633 1.00 26.69 ? 631 TRP B CA  1 
ATOM   343 C C   . TRP B 2 5  ? -1.343  -3.189  -13.695 1.00 25.86 ? 631 TRP B C   1 
ATOM   344 O O   . TRP B 2 5  ? -1.071  -2.965  -12.494 1.00 25.55 ? 631 TRP B O   1 
ATOM   345 C CB  . TRP B 2 5  ? -3.187  -1.914  -14.879 1.00 25.64 ? 631 TRP B CB  1 
ATOM   346 C CG  . TRP B 2 5  ? -3.938  -1.620  -13.599 1.00 24.91 ? 631 TRP B CG  1 
ATOM   347 C CD1 . TRP B 2 5  ? -4.140  -0.409  -13.014 1.00 24.50 ? 631 TRP B CD1 1 
ATOM   348 C CD2 . TRP B 2 5  ? -4.462  -2.594  -12.695 1.00 24.63 ? 631 TRP B CD2 1 
ATOM   349 N NE1 . TRP B 2 5  ? -4.767  -0.570  -11.781 1.00 22.28 ? 631 TRP B NE1 1 
ATOM   350 C CE2 . TRP B 2 5  ? -4.966  -1.903  -11.572 1.00 23.02 ? 631 TRP B CE2 1 
ATOM   351 C CE3 . TRP B 2 5  ? -4.552  -3.983  -12.722 1.00 24.01 ? 631 TRP B CE3 1 
ATOM   352 C CZ2 . TRP B 2 5  ? -5.552  -2.570  -10.487 1.00 24.58 ? 631 TRP B CZ2 1 
ATOM   353 C CZ3 . TRP B 2 5  ? -5.121  -4.635  -11.665 1.00 26.17 ? 631 TRP B CZ3 1 
ATOM   354 C CH2 . TRP B 2 5  ? -5.617  -3.930  -10.554 1.00 27.14 ? 631 TRP B CH2 1 
ATOM   355 N N   . GLU B 2 6  ? -1.320  -4.419  -14.222 1.00 25.90 ? 632 GLU B N   1 
ATOM   356 C CA  . GLU B 2 6  ? -1.013  -5.607  -13.425 1.00 27.06 ? 632 GLU B CA  1 
ATOM   357 C C   . GLU B 2 6  ? 0.412   -5.578  -12.880 1.00 27.73 ? 632 GLU B C   1 
ATOM   358 O O   . GLU B 2 6  ? 0.671   -5.844  -11.692 1.00 29.24 ? 632 GLU B O   1 
ATOM   359 C CB  . GLU B 2 6  ? -1.205  -6.852  -14.281 1.00 29.92 ? 632 GLU B CB  1 
ATOM   360 C CG  . GLU B 2 6  ? -2.655  -7.152  -14.507 1.00 31.63 ? 632 GLU B CG  1 
ATOM   361 C CD  . GLU B 2 6  ? -3.352  -7.617  -13.235 1.00 37.07 ? 632 GLU B CD  1 
ATOM   362 O OE1 . GLU B 2 6  ? -2.765  -7.513  -12.131 1.00 43.54 ? 632 GLU B OE1 1 
ATOM   363 O OE2 . GLU B 2 6  ? -4.492  -8.095  -13.326 1.00 41.65 ? 632 GLU B OE2 1 
ATOM   364 N N   . GLU B 2 7  ? 1.356   -5.262  -13.748 1.00 27.61 ? 633 GLU B N   1 
ATOM   365 C CA  . GLU B 2 7  ? 2.723   -5.196  -13.281 1.00 31.04 ? 633 GLU B CA  1 
ATOM   366 C C   . GLU B 2 7  ? 2.832   -4.175  -12.160 1.00 27.72 ? 633 GLU B C   1 
ATOM   367 O O   . GLU B 2 7  ? 3.493   -4.428  -11.145 1.00 30.66 ? 633 GLU B O   1 
ATOM   368 C CB  . GLU B 2 7  ? 3.644   -4.802  -14.425 1.00 32.54 ? 633 GLU B CB  1 
ATOM   369 C CG  . GLU B 2 7  ? 3.701   -5.858  -15.478 1.00 38.09 ? 633 GLU B CG  1 
ATOM   370 C CD  . GLU B 2 7  ? 4.502   -5.437  -16.681 1.00 41.95 ? 633 GLU B CD  1 
ATOM   371 O OE1 . GLU B 2 7  ? 4.621   -6.273  -17.599 1.00 44.13 ? 633 GLU B OE1 1 
ATOM   372 O OE2 . GLU B 2 7  ? 4.999   -4.287  -16.710 1.00 44.56 ? 633 GLU B OE2 1 
ATOM   373 N N   . GLU B 2 8  ? 2.177   -3.031  -12.328 1.00 28.00 ? 634 GLU B N   1 
ATOM   374 C CA  . GLU B 2 8  ? 2.247   -1.984  -11.316 1.00 26.86 ? 634 GLU B CA  1 
ATOM   375 C C   . GLU B 2 8  ? 1.565   -2.374  -10.019 1.00 25.33 ? 634 GLU B C   1 
ATOM   376 O O   . GLU B 2 8  ? 2.100   -2.068  -8.939  1.00 27.88 ? 634 GLU B O   1 
ATOM   377 C CB  . GLU B 2 8  ? 1.680   -0.678  -11.858 1.00 29.43 ? 634 GLU B CB  1 
ATOM   378 C CG  . GLU B 2 8  ? 2.580   -0.035  -12.950 1.00 33.42 ? 634 GLU B CG  1 
ATOM   379 C CD  . GLU B 2 8  ? 1.964   1.133   -13.716 1.00 41.64 ? 634 GLU B CD  1 
ATOM   380 O OE1 . GLU B 2 8  ? 2.756   1.891   -14.324 1.00 42.51 ? 634 GLU B OE1 1 
ATOM   381 O OE2 . GLU B 2 8  ? 0.713   1.290   -13.760 1.00 42.81 ? 634 GLU B OE2 1 
ATOM   382 N N   . ILE B 2 9  ? 0.421   -3.057  -10.081 1.00 23.88 ? 635 ILE B N   1 
ATOM   383 C CA  . ILE B 2 9  ? -0.215  -3.418  -8.804  1.00 26.69 ? 635 ILE B CA  1 
ATOM   384 C C   . ILE B 2 9  ? 0.653   -4.431  -8.051  1.00 28.33 ? 635 ILE B C   1 
ATOM   385 O O   . ILE B 2 9  ? 0.724   -4.392  -6.821  1.00 27.79 ? 635 ILE B O   1 
ATOM   386 C CB  . ILE B 2 9  ? -1.668  -3.925  -8.995  1.00 26.21 ? 635 ILE B CB  1 
ATOM   387 C CG1 . ILE B 2 9  ? -2.371  -3.948  -7.613  1.00 30.51 ? 635 ILE B CG1 1 
ATOM   388 C CG2 . ILE B 2 9  ? -1.713  -5.331  -9.585  1.00 26.86 ? 635 ILE B CG2 1 
ATOM   389 C CD1 . ILE B 2 9  ? -3.789  -4.291  -7.678  1.00 36.61 ? 635 ILE B CD1 1 
ATOM   390 N N   . GLU B 2 10 ? 1.364   -5.296  -8.774  1.00 29.50 ? 636 GLU B N   1 
ATOM   391 C CA  . GLU B 2 10 ? 2.243   -6.271  -8.126  1.00 30.44 ? 636 GLU B CA  1 
ATOM   392 C C   . GLU B 2 10 ? 3.400   -5.544  -7.422  1.00 28.44 ? 636 GLU B C   1 
ATOM   393 O O   . GLU B 2 10 ? 3.835   -5.962  -6.348  1.00 30.53 ? 636 GLU B O   1 
ATOM   394 C CB  . GLU B 2 10 ? 2.791   -7.272  -9.169  1.00 33.57 ? 636 GLU B CB  1 
ATOM   395 C CG  . GLU B 2 10 ? 1.696   -8.119  -9.804  1.00 40.40 ? 636 GLU B CG  1 
ATOM   396 C CD  . GLU B 2 10 ? 2.232   -9.129  -10.812 1.00 45.52 ? 636 GLU B CD  1 
ATOM   397 O OE1 . GLU B 2 10 ? 1.423   -9.640  -11.616 1.00 48.71 ? 636 GLU B OE1 1 
ATOM   398 O OE2 . GLU B 2 10 ? 3.450   -9.421  -10.794 1.00 50.02 ? 636 GLU B OE2 1 
ATOM   399 N N   . GLN B 2 11 ? 3.902   -4.460  -8.013  1.00 26.75 ? 637 GLN B N   1 
ATOM   400 C CA  . GLN B 2 11 ? 4.983   -3.693  -7.393  1.00 27.95 ? 637 GLN B CA  1 
ATOM   401 C C   . GLN B 2 11 ? 4.459   -3.001  -6.142  1.00 28.00 ? 637 GLN B C   1 
ATOM   402 O O   . GLN B 2 11 ? 5.148   -2.927  -5.129  1.00 27.99 ? 637 GLN B O   1 
ATOM   403 C CB  . GLN B 2 11 ? 5.538   -2.615  -8.330  1.00 31.23 ? 637 GLN B CB  1 
ATOM   404 C CG  . GLN B 2 11 ? 6.107   -3.116  -9.628  1.00 35.97 ? 637 GLN B CG  1 
ATOM   405 C CD  . GLN B 2 11 ? 6.715   -1.974  -10.414 1.00 42.90 ? 637 GLN B CD  1 
ATOM   406 O OE1 . GLN B 2 11 ? 7.850   -1.564  -10.148 1.00 46.57 ? 637 GLN B OE1 1 
ATOM   407 N NE2 . GLN B 2 11 ? 5.955   -1.421  -11.353 1.00 44.29 ? 637 GLN B NE2 1 
ATOM   408 N N   . HIS B 2 12 ? 3.254   -2.463  -6.232  1.00 26.20 ? 638 HIS B N   1 
ATOM   409 C CA  . HIS B 2 12 ? 2.681   -1.801  -5.050  1.00 27.21 ? 638 HIS B CA  1 
ATOM   410 C C   . HIS B 2 12 ? 2.532   -2.794  -3.928  1.00 26.53 ? 638 HIS B C   1 
ATOM   411 O O   . HIS B 2 12 ? 2.822   -2.487  -2.756  1.00 26.31 ? 638 HIS B O   1 
ATOM   412 C CB  . HIS B 2 12 ? 1.299   -1.241  -5.362  1.00 25.20 ? 638 HIS B CB  1 
ATOM   413 C CG  . HIS B 2 12 ? 1.333   0.074   -6.066  1.00 25.16 ? 638 HIS B CG  1 
ATOM   414 N ND1 . HIS B 2 12 ? 1.750   1.234   -5.454  1.00 25.92 ? 638 HIS B ND1 1 
ATOM   415 C CD2 . HIS B 2 12 ? 0.944   0.428   -7.317  1.00 24.60 ? 638 HIS B CD2 1 
ATOM   416 C CE1 . HIS B 2 12 ? 1.608   2.248   -6.291  1.00 27.10 ? 638 HIS B CE1 1 
ATOM   417 N NE2 . HIS B 2 12 ? 1.119   1.784   -7.429  1.00 27.04 ? 638 HIS B NE2 1 
ATOM   418 N N   . GLU B 2 13 ? 2.061   -3.984  -4.265  1.00 26.03 ? 639 GLU B N   1 
ATOM   419 C CA  . GLU B 2 13 ? 1.838   -5.000  -3.235  1.00 28.39 ? 639 GLU B CA  1 
ATOM   420 C C   . GLU B 2 13 ? 3.150   -5.420  -2.597  1.00 29.45 ? 639 GLU B C   1 
ATOM   421 O O   . GLU B 2 13 ? 3.241   -5.514  -1.380  1.00 28.86 ? 639 GLU B O   1 
ATOM   422 C CB  . GLU B 2 13 ? 1.111   -6.219  -3.813  1.00 32.32 ? 639 GLU B CB  1 
ATOM   423 C CG  . GLU B 2 13 ? -0.322  -5.979  -4.164  1.00 38.95 ? 639 GLU B CG  1 
ATOM   424 C CD  . GLU B 2 13 ? -1.022  -7.207  -4.710  1.00 43.72 ? 639 GLU B CD  1 
ATOM   425 O OE1 . GLU B 2 13 ? -0.509  -7.780  -5.702  1.00 47.35 ? 639 GLU B OE1 1 
ATOM   426 O OE2 . GLU B 2 13 ? -2.087  -7.591  -4.164  1.00 47.10 ? 639 GLU B OE2 1 
ATOM   427 N N   . GLY B 2 14 ? 4.171   -5.669  -3.413  1.00 28.84 ? 640 GLY B N   1 
ATOM   428 C CA  . GLY B 2 14 ? 5.456   -6.079  -2.868  1.00 29.22 ? 640 GLY B CA  1 
ATOM   429 C C   . GLY B 2 14 ? 6.024   -5.056  -1.913  1.00 29.20 ? 640 GLY B C   1 
ATOM   430 O O   . GLY B 2 14 ? 6.469   -5.390  -0.809  1.00 30.33 ? 640 GLY B O   1 
ATOM   431 N N   . ASN B 2 15 ? 6.001   -3.797  -2.319  1.00 27.44 ? 641 ASN B N   1 
ATOM   432 C CA  . ASN B 2 15 ? 6.538   -2.751  -1.483  1.00 28.60 ? 641 ASN B CA  1 
ATOM   433 C C   . ASN B 2 15 ? 5.672   -2.540  -0.240  1.00 28.43 ? 641 ASN B C   1 
ATOM   434 O O   . ASN B 2 15 ? 6.204   -2.331  0.852   1.00 28.27 ? 641 ASN B O   1 
ATOM   435 C CB  . ASN B 2 15 ? 6.672   -1.472  -2.292  1.00 31.80 ? 641 ASN B CB  1 
ATOM   436 C CG  . ASN B 2 15 ? 7.302   -0.344  -1.497  1.00 32.35 ? 641 ASN B CG  1 
ATOM   437 O OD1 . ASN B 2 15 ? 6.635   0.602   -1.148  1.00 35.31 ? 641 ASN B OD1 1 
ATOM   438 N ND2 . ASN B 2 15 ? 8.601   -0.460  -1.205  1.00 35.10 ? 641 ASN B ND2 1 
ATOM   439 N N   . LEU B 2 16 ? 4.348   -2.615  -0.375  1.00 25.35 ? 642 LEU B N   1 
ATOM   440 C CA  . LEU B 2 16 ? 3.511   -2.419  0.806   1.00 28.35 ? 642 LEU B CA  1 
ATOM   441 C C   . LEU B 2 16 ? 3.731   -3.555  1.811   1.00 26.16 ? 642 LEU B C   1 
ATOM   442 O O   . LEU B 2 16 ? 3.807   -3.305  3.025   1.00 26.79 ? 642 LEU B O   1 
ATOM   443 C CB  . LEU B 2 16 ? 2.032   -2.323  0.412   1.00 27.75 ? 642 LEU B CB  1 
ATOM   444 C CG  . LEU B 2 16 ? 1.006   -1.867  1.460   1.00 29.82 ? 642 LEU B CG  1 
ATOM   445 C CD1 . LEU B 2 16 ? 1.370   -0.527  2.187   1.00 27.69 ? 642 LEU B CD1 1 
ATOM   446 C CD2 . LEU B 2 16 ? -0.305  -1.742  0.713   1.00 29.93 ? 642 LEU B CD2 1 
ATOM   447 N N   . SER B 2 17 ? 3.874   -4.791  1.340   1.00 28.10 ? 643 SER B N   1 
ATOM   448 C CA  . SER B 2 17 ? 4.112   -5.921  2.243   1.00 27.15 ? 643 SER B CA  1 
ATOM   449 C C   . SER B 2 17 ? 5.424   -5.720  3.017   1.00 25.55 ? 643 SER B C   1 
ATOM   450 O O   . SER B 2 17 ? 5.482   -5.960  4.234   1.00 26.73 ? 643 SER B O   1 
ATOM   451 C CB  . SER B 2 17 ? 4.129   -7.238  1.450   1.00 30.64 ? 643 SER B CB  1 
ATOM   452 O OG  . SER B 2 17 ? 5.127   -7.198  0.451   1.00 38.47 ? 643 SER B OG  1 
ATOM   453 N N   . LEU B 2 18 ? 6.446   -5.213  2.340   1.00 27.32 ? 644 LEU B N   1 
ATOM   454 C CA  . LEU B 2 18 ? 7.740   -4.970  2.969   1.00 26.47 ? 644 LEU B CA  1 
ATOM   455 C C   . LEU B 2 18 ? 7.595   -3.877  4.041   1.00 23.93 ? 644 LEU B C   1 
ATOM   456 O O   . LEU B 2 18 ? 8.149   -3.990  5.140   1.00 24.17 ? 644 LEU B O   1 
ATOM   457 C CB  . LEU B 2 18 ? 8.768   -4.510  1.924   1.00 29.77 ? 644 LEU B CB  1 
ATOM   458 C CG  . LEU B 2 18 ? 10.246  -4.370  2.302   1.00 35.61 ? 644 LEU B CG  1 
ATOM   459 C CD1 . LEU B 2 18 ? 10.842  -5.768  2.586   1.00 38.69 ? 644 LEU B CD1 1 
ATOM   460 C CD2 . LEU B 2 18 ? 10.993  -3.750  1.127   1.00 40.20 ? 644 LEU B CD2 1 
ATOM   461 N N   . LEU B 2 19 ? 6.857   -2.815  3.717   1.00 22.23 ? 645 LEU B N   1 
ATOM   462 C CA  . LEU B 2 19 ? 6.690   -1.725  4.680   1.00 21.44 ? 645 LEU B CA  1 
ATOM   463 C C   . LEU B 2 19 ? 5.844   -2.143  5.873   1.00 19.43 ? 645 LEU B C   1 
ATOM   464 O O   . LEU B 2 19 ? 6.069   -1.651  6.974   1.00 20.91 ? 645 LEU B O   1 
ATOM   465 C CB  . LEU B 2 19 ? 6.049   -0.483  4.029   1.00 20.81 ? 645 LEU B CB  1 
ATOM   466 C CG  . LEU B 2 19 ? 6.876   0.200   2.928   1.00 23.62 ? 645 LEU B CG  1 
ATOM   467 C CD1 . LEU B 2 19 ? 5.985   1.247   2.241   1.00 24.91 ? 645 LEU B CD1 1 
ATOM   468 C CD2 . LEU B 2 19 ? 8.112   0.843   3.552   1.00 22.91 ? 645 LEU B CD2 1 
ATOM   469 N N   . LEU B 2 20 ? 4.849   -2.989  5.650   1.00 21.18 ? 646 LEU B N   1 
ATOM   470 C CA  . LEU B 2 20 ? 4.013   -3.482  6.732   1.00 19.61 ? 646 LEU B CA  1 
ATOM   471 C C   . LEU B 2 20 ? 4.846   -4.327  7.679   1.00 24.43 ? 646 LEU B C   1 
ATOM   472 O O   . LEU B 2 20 ? 4.692   -4.212  8.883   1.00 22.86 ? 646 LEU B O   1 
ATOM   473 C CB  . LEU B 2 20 ? 2.865   -4.339  6.201   1.00 22.57 ? 646 LEU B CB  1 
ATOM   474 C CG  . LEU B 2 20 ? 1.672   -3.518  5.751   1.00 27.99 ? 646 LEU B CG  1 
ATOM   475 C CD1 . LEU B 2 20 ? 0.832   -4.381  4.828   1.00 26.79 ? 646 LEU B CD1 1 
ATOM   476 C CD2 . LEU B 2 20 ? 0.863   -2.989  6.989   1.00 25.44 ? 646 LEU B CD2 1 
ATOM   477 N N   . ARG B 2 21 ? 5.698   -5.204  7.128   1.00 22.07 ? 647 ARG B N   1 
ATOM   478 C CA  . ARG B 2 21 ? 6.530   -6.044  7.974   1.00 23.75 ? 647 ARG B CA  1 
ATOM   479 C C   . ARG B 2 21 ? 7.467   -5.185  8.839   1.00 25.45 ? 647 ARG B C   1 
ATOM   480 O O   . ARG B 2 21 ? 7.610   -5.439  10.058  1.00 25.27 ? 647 ARG B O   1 
ATOM   481 C CB  . ARG B 2 21 ? 7.349   -7.006  7.095   1.00 24.43 ? 647 ARG B CB  1 
ATOM   482 C CG  . ARG B 2 21 ? 8.325   -7.854  7.874   1.00 33.66 ? 647 ARG B CG  1 
ATOM   483 C CD  . ARG B 2 21 ? 8.997   -8.882  6.960   1.00 39.32 ? 647 ARG B CD  1 
ATOM   484 N NE  . ARG B 2 21 ? 9.830   -9.827  7.712   1.00 42.80 ? 647 ARG B NE  1 
ATOM   485 C CZ  . ARG B 2 21 ? 11.028  -9.553  8.222   1.00 45.16 ? 647 ARG B CZ  1 
ATOM   486 N NH1 . ARG B 2 21 ? 11.576  -8.358  8.079   1.00 48.28 ? 647 ARG B NH1 1 
ATOM   487 N NH2 . ARG B 2 21 ? 11.697  -10.495 8.866   1.00 47.68 ? 647 ARG B NH2 1 
ATOM   488 N N   . GLU B 2 22 ? 8.081   -4.158  8.241   1.00 22.19 ? 648 GLU B N   1 
ATOM   489 C CA  . GLU B 2 22 ? 9.005   -3.290  8.985   1.00 22.31 ? 648 GLU B CA  1 
ATOM   490 C C   . GLU B 2 22 ? 8.243   -2.518  10.066  1.00 20.20 ? 648 GLU B C   1 
ATOM   491 O O   . GLU B 2 22 ? 8.717   -2.380  11.185  1.00 20.77 ? 648 GLU B O   1 
ATOM   492 C CB  . GLU B 2 22 ? 9.711   -2.307  8.060   1.00 24.74 ? 648 GLU B CB  1 
ATOM   493 C CG  . GLU B 2 22 ? 10.730  -1.371  8.742   1.00 28.63 ? 648 GLU B CG  1 
ATOM   494 C CD  . GLU B 2 22 ? 11.896  -2.120  9.412   1.00 33.31 ? 648 GLU B CD  1 
ATOM   495 O OE1 . GLU B 2 22 ? 12.337  -3.161  8.875   1.00 38.24 ? 648 GLU B OE1 1 
ATOM   496 O OE2 . GLU B 2 22 ? 12.403  -1.650  10.462  1.00 35.85 ? 648 GLU B OE2 1 
ATOM   497 N N   . ALA B 2 23 ? 7.049   -2.030  9.737   1.00 20.81 ? 649 ALA B N   1 
ATOM   498 C CA  . ALA B 2 23 ? 6.261   -1.349  10.764  1.00 20.49 ? 649 ALA B CA  1 
ATOM   499 C C   . ALA B 2 23 ? 5.904   -2.300  11.899  1.00 19.21 ? 649 ALA B C   1 
ATOM   500 O O   . ALA B 2 23 ? 6.072   -1.954  13.041  1.00 20.27 ? 649 ALA B O   1 
ATOM   501 C CB  . ALA B 2 23 ? 4.982   -0.766  10.152  1.00 21.46 ? 649 ALA B CB  1 
ATOM   502 N N   . ALA B 2 24 ? 5.471   -3.513  11.583  1.00 20.99 ? 650 ALA B N   1 
ATOM   503 C CA  . ALA B 2 24 ? 5.128   -4.483  12.626  1.00 19.07 ? 650 ALA B CA  1 
ATOM   504 C C   . ALA B 2 24 ? 6.311   -4.737  13.550  1.00 20.62 ? 650 ALA B C   1 
ATOM   505 O O   . ALA B 2 24 ? 6.131   -4.830  14.780  1.00 21.31 ? 650 ALA B O   1 
ATOM   506 C CB  . ALA B 2 24 ? 4.699   -5.776  11.981  1.00 21.62 ? 650 ALA B CB  1 
ATOM   507 N N   . LEU B 2 25 ? 7.506   -4.844  12.966  1.00 21.46 ? 651 LEU B N   1 
ATOM   508 C CA  . LEU B 2 25 ? 8.729   -5.076  13.762  1.00 21.60 ? 651 LEU B CA  1 
ATOM   509 C C   . LEU B 2 25 ? 8.984   -3.905  14.693  1.00 22.42 ? 651 LEU B C   1 
ATOM   510 O O   . LEU B 2 25 ? 9.290   -4.089  15.881  1.00 22.96 ? 651 LEU B O   1 
ATOM   511 C CB  . LEU B 2 25 ? 9.966   -5.254  12.874  1.00 28.03 ? 651 LEU B CB  1 
ATOM   512 C CG  . LEU B 2 25 ? 10.046  -6.494  12.012  1.00 34.84 ? 651 LEU B CG  1 
ATOM   513 C CD1 . LEU B 2 25 ? 11.477  -6.736  11.545  1.00 33.69 ? 651 LEU B CD1 1 
ATOM   514 C CD2 . LEU B 2 25 ? 9.606   -7.661  12.825  1.00 40.03 ? 651 LEU B CD2 1 
ATOM   515 N N   . GLN B 2 26 ? 8.904   -2.693  14.133  1.00 20.30 ? 652 GLN B N   1 
ATOM   516 C CA  . GLN B 2 26 ? 9.118   -1.506  14.948  1.00 20.60 ? 652 GLN B CA  1 
ATOM   517 C C   . GLN B 2 26 ? 8.051   -1.370  16.039  1.00 18.46 ? 652 GLN B C   1 
ATOM   518 O O   . GLN B 2 26 ? 8.360   -0.910  17.158  1.00 19.69 ? 652 GLN B O   1 
ATOM   519 C CB  . GLN B 2 26 ? 9.197   -0.241  14.087  1.00 22.14 ? 652 GLN B CB  1 
ATOM   520 C CG  . GLN B 2 26 ? 10.487  -0.257  13.242  1.00 25.96 ? 652 GLN B CG  1 
ATOM   521 C CD  . GLN B 2 26 ? 10.799  1.055   12.539  1.00 31.14 ? 652 GLN B CD  1 
ATOM   522 O OE1 . GLN B 2 26 ? 10.561  2.131   13.080  1.00 35.29 ? 652 GLN B OE1 1 
ATOM   523 N NE2 . GLN B 2 26 ? 11.368  0.967   11.350  1.00 34.07 ? 652 GLN B NE2 1 
ATOM   524 N N   . VAL B 2 27 ? 6.814   -1.731  15.716  1.00 20.28 ? 653 VAL B N   1 
ATOM   525 C CA  . VAL B 2 27 ? 5.756   -1.677  16.730  1.00 18.55 ? 653 VAL B CA  1 
ATOM   526 C C   . VAL B 2 27 ? 6.088   -2.664  17.869  1.00 21.86 ? 653 VAL B C   1 
ATOM   527 O O   . VAL B 2 27 ? 5.953   -2.339  19.046  1.00 20.84 ? 653 VAL B O   1 
ATOM   528 C CB  . VAL B 2 27 ? 4.393   -2.001  16.126  1.00 18.75 ? 653 VAL B CB  1 
ATOM   529 C CG1 . VAL B 2 27 ? 3.346   -2.152  17.223  1.00 21.58 ? 653 VAL B CG1 1 
ATOM   530 C CG2 . VAL B 2 27 ? 4.013   -0.882  15.165  1.00 20.22 ? 653 VAL B CG2 1 
ATOM   531 N N   . HIS B 2 28 ? 6.583   -3.847  17.517  1.00 20.71 ? 654 HIS B N   1 
ATOM   532 C CA  . HIS B 2 28 ? 6.954   -4.831  18.548  1.00 23.74 ? 654 HIS B CA  1 
ATOM   533 C C   . HIS B 2 28 ? 8.058   -4.271  19.465  1.00 22.84 ? 654 HIS B C   1 
ATOM   534 O O   . HIS B 2 28 ? 8.005   -4.403  20.702  1.00 23.15 ? 654 HIS B O   1 
ATOM   535 C CB  . HIS B 2 28 ? 7.463   -6.132  17.870  1.00 23.60 ? 654 HIS B CB  1 
ATOM   536 C CG  . HIS B 2 28 ? 8.414   -6.929  18.724  1.00 26.93 ? 654 HIS B CG  1 
ATOM   537 N ND1 . HIS B 2 28 ? 7.996   -7.791  19.711  1.00 30.02 ? 654 HIS B ND1 1 
ATOM   538 C CD2 . HIS B 2 28 ? 9.765   -6.900  18.797  1.00 31.35 ? 654 HIS B CD2 1 
ATOM   539 C CE1 . HIS B 2 28 ? 9.052   -8.256  20.360  1.00 30.93 ? 654 HIS B CE1 1 
ATOM   540 N NE2 . HIS B 2 28 ? 10.140  -7.727  19.826  1.00 28.57 ? 654 HIS B NE2 1 
ATOM   541 N N   . ILE B 2 29 ? 9.033   -3.658  18.887  1.00 23.38 ? 655 ILE B N   1 
ATOM   542 C CA  . ILE B 2 29 ? 10.157  -3.109  19.659  1.00 22.06 ? 655 ILE B CA  1 
ATOM   543 C C   . ILE B 2 29 ? 9.656   -2.055  20.658  1.00 23.12 ? 655 ILE B C   1 
ATOM   544 O O   . ILE B 2 29 ? 10.075  -2.026  21.821  1.00 23.14 ? 655 ILE B O   1 
ATOM   545 C CB  . ILE B 2 29 ? 11.197  -2.493  18.729  1.00 26.25 ? 655 ILE B CB  1 
ATOM   546 C CG1 . ILE B 2 29 ? 11.854  -3.533  17.818  1.00 24.37 ? 655 ILE B CG1 1 
ATOM   547 C CG2 . ILE B 2 29 ? 12.342  -1.816  19.487  1.00 26.47 ? 655 ILE B CG2 1 
ATOM   548 C CD1 . ILE B 2 29 ? 12.756  -2.914  16.750  1.00 25.23 ? 655 ILE B CD1 1 
ATOM   549 N N   . ALA B 2 30 ? 8.726   -1.176  20.158  1.00 21.13 ? 656 ALA B N   1 
ATOM   550 C CA  . ALA B 2 30 ? 8.183   -0.136  21.026  1.00 21.99 ? 656 ALA B CA  1 
ATOM   551 C C   . ALA B 2 30 ? 7.346   -0.741  22.135  1.00 22.49 ? 656 ALA B C   1 
ATOM   552 O O   . ALA B 2 30 ? 7.396   -0.261  23.278  1.00 23.93 ? 656 ALA B O   1 
ATOM   553 C CB  . ALA B 2 30 ? 7.334   0.843   20.200  1.00 22.46 ? 656 ALA B CB  1 
ATOM   554 N N   . GLN B 2 31 ? 6.588   -1.786  21.814  1.00 22.35 ? 657 GLN B N   1 
ATOM   555 C CA  . GLN B 2 31 ? 5.762   -2.428  22.830  1.00 23.30 ? 657 GLN B CA  1 
ATOM   556 C C   . GLN B 2 31 ? 6.641   -3.033  23.894  1.00 27.40 ? 657 GLN B C   1 
ATOM   557 O O   . GLN B 2 31 ? 6.343   -2.921  25.085  1.00 24.20 ? 657 GLN B O   1 
ATOM   558 C CB  . GLN B 2 31 ? 4.878   -3.540  22.244  1.00 25.52 ? 657 GLN B CB  1 
ATOM   559 C CG  . GLN B 2 31 ? 3.740   -3.013  21.393  1.00 27.51 ? 657 GLN B CG  1 
ATOM   560 C CD  . GLN B 2 31 ? 2.808   -4.114  20.929  1.00 30.52 ? 657 GLN B CD  1 
ATOM   561 O OE1 . GLN B 2 31 ? 1.759   -4.364  21.540  1.00 32.30 ? 657 GLN B OE1 1 
ATOM   562 N NE2 . GLN B 2 31 ? 3.205   -4.804  19.873  1.00 29.61 ? 657 GLN B NE2 1 
ATOM   563 N N   . ARG B 2 32 ? 7.748   -3.636  23.470  1.00 25.78 ? 658 ARG B N   1 
ATOM   564 C CA  . ARG B 2 32 ? 8.641   -4.287  24.429  1.00 26.48 ? 658 ARG B CA  1 
ATOM   565 C C   . ARG B 2 32 ? 9.325   -3.250  25.307  1.00 28.21 ? 658 ARG B C   1 
ATOM   566 O O   . ARG B 2 32 ? 9.498   -3.463  26.514  1.00 29.35 ? 658 ARG B O   1 
ATOM   567 C CB  . ARG B 2 32 ? 9.661   -5.179  23.674  1.00 29.31 ? 658 ARG B CB  1 
ATOM   568 C CG  . ARG B 2 32 ? 10.567  -6.088  24.568  1.00 28.46 ? 658 ARG B CG  1 
ATOM   569 C CD  . ARG B 2 32 ? 11.086  -7.357  23.829  1.00 30.98 ? 658 ARG B CD  1 
ATOM   570 N NE  . ARG B 2 32 ? 12.092  -8.054  24.643  1.00 27.26 ? 658 ARG B NE  1 
ATOM   571 C CZ  . ARG B 2 32 ? 13.269  -7.516  24.926  1.00 26.63 ? 658 ARG B CZ  1 
ATOM   572 N NH1 . ARG B 2 32 ? 13.568  -6.300  24.450  1.00 27.42 ? 658 ARG B NH1 1 
ATOM   573 N NH2 . ARG B 2 32 ? 14.124  -8.138  25.761  1.00 25.35 ? 658 ARG B NH2 1 
ATOM   574 N N   . ASP B 2 33 ? 9.679   -2.104  24.726  1.00 25.84 ? 659 ASP B N   1 
ATOM   575 C CA  . ASP B 2 33 ? 10.339  -1.060  25.486  1.00 28.39 ? 659 ASP B CA  1 
ATOM   576 C C   . ASP B 2 33 ? 9.359   -0.512  26.549  1.00 29.64 ? 659 ASP B C   1 
ATOM   577 O O   . ASP B 2 33 ? 9.738   -0.312  27.696  1.00 33.82 ? 659 ASP B O   1 
ATOM   578 C CB  . ASP B 2 33 ? 10.825  0.066   24.550  1.00 28.51 ? 659 ASP B CB  1 
ATOM   579 C CG  . ASP B 2 33 ? 12.092  -0.300  23.784  1.00 32.30 ? 659 ASP B CG  1 
ATOM   580 O OD1 . ASP B 2 33 ? 12.432  0.427   22.811  1.00 32.52 ? 659 ASP B OD1 1 
ATOM   581 O OD2 . ASP B 2 33 ? 12.774  -1.285  24.174  1.00 28.58 ? 659 ASP B OD2 1 
ATOM   582 N N   . ALA B 2 34 ? 8.094   -0.345  26.184  1.00 27.64 ? 660 ALA B N   1 
ATOM   583 C CA  . ALA B 2 34 ? 7.105   0.209   27.113  1.00 29.81 ? 660 ALA B CA  1 
ATOM   584 C C   . ALA B 2 34 ? 6.716   -0.713  28.259  1.00 32.73 ? 660 ALA B C   1 
ATOM   585 O O   . ALA B 2 34 ? 6.262   -0.233  29.305  1.00 32.00 ? 660 ALA B O   1 
ATOM   586 C CB  . ALA B 2 34 ? 5.826   0.653   26.333  1.00 29.41 ? 660 ALA B CB  1 
ATOM   587 N N   . ARG B 2 35 ? 6.931   -2.013  28.076  1.00 34.54 ? 661 ARG B N   1 
ATOM   588 C CA  . ARG B 2 35 ? 6.577   -3.024  29.067  1.00 40.20 ? 661 ARG B CA  1 
ATOM   589 C C   . ARG B 2 35 ? 7.549   -3.010  30.254  1.00 42.83 ? 661 ARG B C   1 
ATOM   590 O O   . ARG B 2 35 ? 7.884   -4.051  30.819  1.00 46.93 ? 661 ARG B O   1 
ATOM   591 C CB  . ARG B 2 35 ? 6.557   -4.396  28.369  1.00 44.02 ? 661 ARG B CB  1 
ATOM   592 C CG  . ARG B 2 35 ? 5.928   -5.537  29.147  1.00 47.26 ? 661 ARG B CG  1 
ATOM   593 C CD  . ARG B 2 35 ? 5.643   -6.712  28.199  1.00 50.87 ? 661 ARG B CD  1 
ATOM   594 N NE  . ARG B 2 35 ? 4.945   -7.824  28.846  1.00 51.68 ? 661 ARG B NE  1 
ATOM   595 C CZ  . ARG B 2 35 ? 5.500   -8.650  29.730  1.00 53.21 ? 661 ARG B CZ  1 
ATOM   596 N NH1 . ARG B 2 35 ? 6.768   -8.492  30.076  1.00 52.85 ? 661 ARG B NH1 1 
ATOM   597 N NH2 . ARG B 2 35 ? 4.785   -9.635  30.271  1.00 51.51 ? 661 ARG B NH2 1 
HETATM 598 N N   . NH2 B 2 36 ? 7.999   -1.829  30.648  1.00 44.63 ? 662 NH2 B N   1 
HETATM 599 O O   . HOH C 3 .  ? 1.459   5.696   16.685  0.33 22.40 ? 1   HOH A O   1 
HETATM 600 O O   . HOH C 3 .  ? 2.363   2.167   -2.881  1.00 28.26 ? 2   HOH A O   1 
HETATM 601 O O   . HOH C 3 .  ? 0.341   5.045   14.602  0.33 11.88 ? 4   HOH A O   1 
HETATM 602 O O   . HOH C 3 .  ? -13.928 -2.612  -24.471 1.00 26.34 ? 5   HOH A O   1 
HETATM 603 O O   . HOH C 3 .  ? -3.570  5.385   3.701   1.00 30.80 ? 6   HOH A O   1 
HETATM 604 O O   . HOH C 3 .  ? -15.320 4.094   -23.268 1.00 35.50 ? 7   HOH A O   1 
HETATM 605 O O   . HOH C 3 .  ? -9.881  1.640   -20.970 1.00 28.41 ? 8   HOH A O   1 
HETATM 606 O O   . HOH C 3 .  ? -10.353 -3.709  -27.580 1.00 57.95 ? 9   HOH A O   1 
HETATM 607 O O   . HOH C 3 .  ? -13.905 5.199   -16.991 1.00 27.51 ? 13  HOH A O   1 
HETATM 608 O O   . HOH C 3 .  ? 9.927   1.537   6.916   1.00 36.48 ? 14  HOH A O   1 
HETATM 609 O O   . HOH C 3 .  ? -21.555 3.145   -23.614 1.00 30.89 ? 15  HOH A O   1 
HETATM 610 O O   . HOH C 3 .  ? 10.550  1.025   17.243  1.00 27.79 ? 16  HOH A O   1 
HETATM 611 O O   . HOH C 3 .  ? -5.077  4.114   1.866   1.00 29.24 ? 17  HOH A O   1 
HETATM 612 O O   . HOH C 3 .  ? 5.810   4.931   1.794   1.00 31.75 ? 18  HOH A O   1 
HETATM 613 O O   . HOH C 3 .  ? -7.113  -2.277  -20.294 1.00 27.46 ? 20  HOH A O   1 
HETATM 614 O O   . HOH C 3 .  ? 7.929   8.094   7.995   1.00 30.54 ? 22  HOH A O   1 
HETATM 615 O O   . HOH C 3 .  ? -11.753 9.176   -16.411 1.00 43.81 ? 23  HOH A O   1 
HETATM 616 O O   . HOH C 3 .  ? 13.053  1.165   16.723  1.00 30.56 ? 24  HOH A O   1 
HETATM 617 O O   . HOH C 3 .  ? 11.809  8.645   14.499  1.00 40.25 ? 25  HOH A O   1 
HETATM 618 O O   . HOH C 3 .  ? -9.262  4.435   -20.413 1.00 40.54 ? 26  HOH A O   1 
HETATM 619 O O   . HOH C 3 .  ? 1.679   8.178   -1.700  1.00 39.87 ? 27  HOH A O   1 
HETATM 620 O O   . HOH C 3 .  ? 6.675   8.439   5.707   1.00 37.63 ? 28  HOH A O   1 
HETATM 621 O O   . HOH C 3 .  ? -7.767  0.329   -21.722 1.00 38.38 ? 31  HOH A O   1 
HETATM 622 O O   . HOH C 3 .  ? -16.876 6.029   -19.514 1.00 37.97 ? 32  HOH A O   1 
HETATM 623 O O   . HOH C 3 .  ? 11.495  -0.485  5.516   1.00 43.75 ? 33  HOH A O   1 
HETATM 624 O O   . HOH C 3 .  ? -24.574 3.736   -27.174 1.00 43.24 ? 34  HOH A O   1 
HETATM 625 O O   . HOH C 3 .  ? -20.465 -5.462  -27.368 1.00 32.62 ? 35  HOH A O   1 
HETATM 626 O O   . HOH C 3 .  ? -0.921  4.324   -10.884 1.00 44.69 ? 36  HOH A O   1 
HETATM 627 O O   . HOH C 3 .  ? 5.779   11.176  5.333   1.00 34.27 ? 37  HOH A O   1 
HETATM 628 O O   . HOH C 3 .  ? -12.830 7.403   -18.552 1.00 48.89 ? 39  HOH A O   1 
HETATM 629 O O   . HOH C 3 .  ? -21.761 -7.848  -26.604 0.33 35.00 ? 40  HOH A O   1 
HETATM 630 O O   . HOH C 3 .  ? 14.829  1.110   18.716  1.00 40.11 ? 41  HOH A O   1 
HETATM 631 O O   . HOH C 3 .  ? -12.788 6.955   -21.272 1.00 50.56 ? 44  HOH A O   1 
HETATM 632 O O   . HOH C 3 .  ? -22.912 -8.520  -28.751 0.33 49.29 ? 46  HOH A O   1 
HETATM 633 O O   . HOH C 3 .  ? -18.000 0.281   -28.806 1.00 36.17 ? 48  HOH A O   1 
HETATM 634 O O   . HOH C 3 .  ? -11.719 1.737   -23.147 1.00 36.18 ? 49  HOH A O   1 
HETATM 635 O O   . HOH C 3 .  ? 8.404   4.588   2.169   1.00 48.93 ? 50  HOH A O   1 
HETATM 636 O O   . HOH C 3 .  ? -0.333  9.246   -3.479  1.00 46.81 ? 52  HOH A O   1 
HETATM 637 O O   . HOH C 3 .  ? 7.730   11.548  2.709   1.00 54.32 ? 59  HOH A O   1 
HETATM 638 O O   . HOH C 3 .  ? -0.639  5.640   -7.394  1.00 34.50 ? 61  HOH A O   1 
HETATM 639 O O   . HOH C 3 .  ? -17.987 7.330   -24.935 1.00 56.79 ? 62  HOH A O   1 
HETATM 640 O O   . HOH C 3 .  ? 16.270  3.493   19.097  1.00 44.49 ? 63  HOH A O   1 
HETATM 641 O O   . HOH C 3 .  ? -17.711 -5.000  -28.007 1.00 57.38 ? 64  HOH A O   1 
HETATM 642 O O   . HOH C 3 .  ? -6.572  7.157   -9.129  1.00 39.18 ? 65  HOH A O   1 
HETATM 643 O O   . HOH C 3 .  ? -5.684  1.992   -20.948 1.00 44.64 ? 68  HOH A O   1 
HETATM 644 O O   . HOH C 3 .  ? -10.641 5.762   -22.471 1.00 47.30 ? 71  HOH A O   1 
HETATM 645 O O   . HOH C 3 .  ? -25.725 -2.751  -24.398 1.00 37.87 ? 72  HOH A O   1 
HETATM 646 O O   . HOH C 3 .  ? 4.258   4.187   -2.805  1.00 36.96 ? 73  HOH A O   1 
HETATM 647 O O   . HOH C 3 .  ? -6.044  9.789   -8.415  1.00 51.27 ? 75  HOH A O   1 
HETATM 648 O O   . HOH C 3 .  ? -12.373 3.939   -24.397 1.00 42.15 ? 78  HOH A O   1 
HETATM 649 O O   . HOH C 3 .  ? -18.389 4.095   -25.657 1.00 52.49 ? 80  HOH A O   1 
HETATM 650 O O   . HOH C 3 .  ? -15.401 6.053   -21.544 1.00 45.68 ? 82  HOH A O   1 
HETATM 651 O O   . HOH C 3 .  ? 3.562   6.347   -5.669  1.00 49.29 ? 83  HOH A O   1 
HETATM 652 O O   . HOH C 3 .  ? 18.386  7.268   19.687  1.00 55.17 ? 89  HOH A O   1 
HETATM 653 O O   . HOH C 3 .  ? -24.109 2.663   -24.780 1.00 48.19 ? 90  HOH A O   1 
HETATM 654 O O   . HOH C 3 .  ? 7.233   6.818   3.472   1.00 44.59 ? 94  HOH A O   1 
HETATM 655 O O   . HOH C 3 .  ? -11.627 -0.744  -25.002 1.00 46.23 ? 97  HOH A O   1 
HETATM 656 O O   . HOH C 3 .  ? -14.593 -3.054  -27.034 1.00 43.05 ? 99  HOH A O   1 
HETATM 657 O O   . HOH C 3 .  ? 11.383  2.722   3.999   1.00 46.36 ? 101 HOH A O   1 
HETATM 658 O O   . HOH C 3 .  ? 2.924   10.279  -0.470  1.00 55.00 ? 102 HOH A O   1 
HETATM 659 O O   . HOH C 3 .  ? -4.434  10.298  -12.815 1.00 53.74 ? 105 HOH A O   1 
HETATM 660 O O   . HOH C 3 .  ? -14.099 6.848   -15.057 1.00 44.11 ? 107 HOH A O   1 
HETATM 661 O O   . HOH C 3 .  ? -22.137 3.057   -20.891 1.00 43.72 ? 108 HOH A O   1 
HETATM 662 O O   . HOH C 3 .  ? -5.007  2.976   -23.699 1.00 51.39 ? 112 HOH A O   1 
HETATM 663 O O   . HOH C 3 .  ? 3.552   13.147  -1.284  1.00 51.57 ? 114 HOH A O   1 
HETATM 664 O O   . HOH C 3 .  ? -0.575  12.234  -5.670  1.00 50.50 ? 116 HOH A O   1 
HETATM 665 O O   . HOH C 3 .  ? -15.258 8.981   -26.228 1.00 56.25 ? 117 HOH A O   1 
HETATM 666 O O   . HOH C 3 .  ? -18.421 9.964   -25.999 1.00 63.43 ? 118 HOH A O   1 
HETATM 667 O O   . HOH C 3 .  ? 9.441   4.415   22.986  1.00 25.25 ? 119 HOH A O   1 
HETATM 668 O O   . HOH C 3 .  ? -25.933 2.525   -18.394 1.00 63.54 ? 120 HOH A O   1 
HETATM 669 O O   . HOH C 3 .  ? 16.364  4.836   17.093  1.00 39.09 ? 128 HOH A O   1 
HETATM 670 O O   . HOH C 3 .  ? 18.083  4.759   12.638  1.00 57.08 ? 129 HOH A O   1 
HETATM 671 O O   . HOH C 3 .  ? 20.187  7.892   16.013  1.00 55.92 ? 130 HOH A O   1 
HETATM 672 O O   . HOH C 3 .  ? 16.274  7.058   13.459  1.00 62.13 ? 131 HOH A O   1 
HETATM 673 O O   . HOH C 3 .  ? 16.541  9.568   20.971  1.00 45.03 ? 132 HOH A O   1 
HETATM 674 O O   . HOH C 3 .  ? 0.137   13.776  -1.577  1.00 54.21 ? 133 HOH A O   1 
HETATM 675 O O   . HOH C 3 .  ? -7.650  3.915   -26.053 1.00 63.74 ? 134 HOH A O   1 
HETATM 676 O O   . HOH C 3 .  ? -8.491  6.220   -25.169 1.00 61.39 ? 135 HOH A O   1 
HETATM 677 O O   . HOH C 3 .  ? 10.296  5.072   9.040   1.00 43.58 ? 138 HOH A O   1 
HETATM 678 O O   . HOH C 3 .  ? 14.859  2.621   13.136  1.00 61.00 ? 139 HOH A O   1 
HETATM 679 O O   . HOH C 3 .  ? -3.694  7.879   -10.503 1.00 48.71 ? 140 HOH A O   1 
HETATM 680 O O   . HOH C 3 .  ? -20.652 5.116   -25.151 1.00 58.90 ? 141 HOH A O   1 
HETATM 681 O O   . HOH D 3 .  ? 3.347   -5.612  15.222  1.00 29.38 ? 3   HOH B O   1 
HETATM 682 O O   . HOH D 3 .  ? 7.264   0.896   7.333   1.00 22.50 ? 10  HOH B O   1 
HETATM 683 O O   . HOH D 3 .  ? -2.609  -5.167  -21.775 1.00 42.74 ? 11  HOH B O   1 
HETATM 684 O O   . HOH D 3 .  ? 15.439  3.524   21.778  1.00 34.76 ? 12  HOH B O   1 
HETATM 685 O O   . HOH D 3 .  ? 11.130  4.069   11.405  1.00 35.18 ? 19  HOH B O   1 
HETATM 686 O O   . HOH D 3 .  ? 2.075   -5.703  17.583  1.00 39.25 ? 21  HOH B O   1 
HETATM 687 O O   . HOH D 3 .  ? 3.881   -8.145  5.308   1.00 31.24 ? 29  HOH B O   1 
HETATM 688 O O   . HOH D 3 .  ? 1.558   2.761   -10.170 1.00 44.34 ? 30  HOH B O   1 
HETATM 689 O O   . HOH D 3 .  ? 9.127   2.098   -0.150  1.00 49.83 ? 38  HOH B O   1 
HETATM 690 O O   . HOH D 3 .  ? 0.709   2.512   -18.513 0.5  49.86 ? 42  HOH B O   1 
HETATM 691 O O   . HOH D 3 .  ? 5.524   -6.581  -11.066 1.00 40.37 ? 43  HOH B O   1 
HETATM 692 O O   . HOH D 3 .  ? 4.618   -9.861  -1.575  1.00 63.02 ? 45  HOH B O   1 
HETATM 693 O O   . HOH D 3 .  ? -2.204  1.011   -17.770 1.00 40.74 ? 47  HOH B O   1 
HETATM 694 O O   . HOH D 3 .  ? 13.397  -2.889  6.377   1.00 49.14 ? 51  HOH B O   1 
HETATM 695 O O   . HOH D 3 .  ? 3.879   0.240   -2.086  1.00 37.30 ? 54  HOH B O   1 
HETATM 696 O O   . HOH D 3 .  ? 10.513  -5.431  5.648   1.00 32.62 ? 55  HOH B O   1 
HETATM 697 O O   . HOH D 3 .  ? 7.835   2.444   23.882  1.00 29.53 ? 56  HOH B O   1 
HETATM 698 O O   . HOH D 3 .  ? 9.305   2.769   26.472  1.00 37.66 ? 57  HOH B O   1 
HETATM 699 O O   . HOH D 3 .  ? 3.381   -3.275  25.533  1.00 38.45 ? 60  HOH B O   1 
HETATM 700 O O   . HOH D 3 .  ? 5.520   3.771   24.623  1.00 37.15 ? 66  HOH B O   1 
HETATM 701 O O   . HOH D 3 .  ? -3.710  2.854   -18.969 1.00 37.39 ? 67  HOH B O   1 
HETATM 702 O O   . HOH D 3 .  ? -5.141  -3.451  -22.122 1.00 39.93 ? 69  HOH B O   1 
HETATM 703 O O   . HOH D 3 .  ? 6.849   3.899   -0.290  1.00 39.31 ? 70  HOH B O   1 
HETATM 704 O O   . HOH D 3 .  ? 7.236   1.768   -6.443  1.00 46.44 ? 74  HOH B O   1 
HETATM 705 O O   . HOH D 3 .  ? 16.795  0.154   24.528  1.00 47.59 ? 76  HOH B O   1 
HETATM 706 O O   . HOH D 3 .  ? -0.056  -10.285 -16.595 1.00 56.24 ? 77  HOH B O   1 
HETATM 707 O O   . HOH D 3 .  ? 12.381  -3.797  22.524  1.00 42.46 ? 79  HOH B O   1 
HETATM 708 O O   . HOH D 3 .  ? 7.931   -3.571  -5.289  1.00 42.44 ? 81  HOH B O   1 
HETATM 709 O O   . HOH D 3 .  ? -6.453  -5.556  -22.276 1.00 54.91 ? 84  HOH B O   1 
HETATM 710 O O   . HOH D 3 .  ? 14.107  -6.626  7.982   1.00 54.74 ? 85  HOH B O   1 
HETATM 711 O O   . HOH D 3 .  ? -4.293  -12.149 -20.282 1.00 51.19 ? 87  HOH B O   1 
HETATM 712 O O   . HOH D 3 .  ? 5.963   -7.448  22.534  1.00 57.41 ? 88  HOH B O   1 
HETATM 713 O O   . HOH D 3 .  ? 6.851   5.969   24.169  1.00 37.25 ? 91  HOH B O   1 
HETATM 714 O O   . HOH D 3 .  ? 9.405   -4.802  -3.268  1.00 49.88 ? 92  HOH B O   1 
HETATM 715 O O   . HOH D 3 .  ? -3.536  -9.337  -15.667 1.00 42.25 ? 93  HOH B O   1 
HETATM 716 O O   . HOH D 3 .  ? 7.133   -8.225  11.225  1.00 33.66 ? 95  HOH B O   1 
HETATM 717 O O   . HOH D 3 .  ? -6.415  -7.577  -20.772 1.00 43.31 ? 96  HOH B O   1 
HETATM 718 O O   . HOH D 3 .  ? 15.694  -4.346  25.036  1.00 41.98 ? 98  HOH B O   1 
HETATM 719 O O   . HOH D 3 .  ? 4.485   2.048   -16.403 1.00 55.93 ? 104 HOH B O   1 
HETATM 720 O O   . HOH D 3 .  ? 7.640   -0.144  -13.753 1.00 52.35 ? 106 HOH B O   1 
HETATM 721 O O   . HOH D 3 .  ? 11.338  -5.992  7.905   1.00 40.43 ? 109 HOH B O   1 
HETATM 722 O O   . HOH D 3 .  ? 8.438   -11.646 7.108   1.00 52.87 ? 110 HOH B O   1 
HETATM 723 O O   . HOH D 3 .  ? 4.788   -8.294  -5.406  1.00 50.35 ? 111 HOH B O   1 
HETATM 724 O O   . HOH D 3 .  ? 14.237  -3.510  10.581  1.00 57.94 ? 115 HOH B O   1 
HETATM 725 O O   . HOH D 3 .  ? -0.373  -8.063  -25.112 1.00 54.10 ? 121 HOH B O   1 
HETATM 726 O O   . HOH D 3 .  ? -2.170  -5.781  -28.334 1.00 57.50 ? 122 HOH B O   1 
HETATM 727 O O   . HOH D 3 .  ? 0.047   -5.805  -26.094 1.00 54.58 ? 123 HOH B O   1 
HETATM 728 O O   . HOH D 3 .  ? 7.148   -3.252  -15.329 1.00 54.47 ? 125 HOH B O   1 
HETATM 729 O O   . HOH D 3 .  ? 13.693  -4.976  1.771   1.00 51.90 ? 126 HOH B O   1 
HETATM 730 O O   . HOH D 3 .  ? 11.846  -7.427  4.689   1.00 60.80 ? 127 HOH B O   1 
HETATM 731 O O   . HOH D 3 .  ? 7.293   -9.068  2.520   1.00 54.72 ? 136 HOH B O   1 
HETATM 732 O O   . HOH D 3 .  ? 11.828  -9.010  -1.150  1.00 54.30 ? 137 HOH B O   1 
HETATM 733 O O   . HOH D 3 .  ? -4.463  -10.232 -17.997 1.00 55.97 ? 142 HOH B O   1 
HETATM 734 O O   . HOH D 3 .  ? 3.883   3.957   -10.015 1.00 58.04 ? 143 HOH B O   1 
HETATM 735 O O   . HOH D 3 .  ? 7.376   -7.875  -0.507  1.00 47.55 ? 144 HOH B O   1 
HETATM 736 O O   . HOH D 3 .  ? 15.616  -3.156  13.183  1.00 53.16 ? 145 HOH B O   1 
HETATM 737 O O   . HOH D 3 .  ? 14.526  0.202   21.602  1.00 35.78 ? 146 HOH B O   1 
HETATM 738 O O   . HOH D 3 .  ? 2.447   -4.507  28.437  1.00 54.15 ? 147 HOH B O   1 
HETATM 739 O O   . HOH D 3 .  ? 1.871   -8.554  25.962  1.00 59.52 ? 148 HOH B O   1 
HETATM 740 O O   . HOH D 3 .  ? 4.257   -6.554  31.843  1.00 61.65 ? 149 HOH B O   1 
# 
